data_1FMJ
#
_entry.id   1FMJ
#
_cell.length_a   79.429
_cell.length_b   66.183
_cell.length_c   83.336
_cell.angle_alpha   90.00
_cell.angle_beta   108.89
_cell.angle_gamma   90.00
#
_symmetry.space_group_name_H-M   'P 1 21 1'
#
loop_
_entity.id
_entity.type
_entity.pdbx_description
1 polymer 'RETINOL DEHYDRATASE'
2 non-polymer 'MERCURY (II) ION'
3 non-polymer 'CALCIUM ION'
4 non-polymer "ADENOSINE-3'-5'-DIPHOSPHATE"
5 non-polymer RETINOL
6 water water
#
_entity_poly.entity_id   1
_entity_poly.type   'polypeptide(L)'
_entity_poly.pdbx_seq_one_letter_code
;MEKQQDLPFPYEFRELNPEEDKLVKANLGAFPTTYVKLGPKGYMVYRPYLKDAANIYNMPLRPTDVFVASYQRSGTTMTQ
ELVWLIENDLNFEAAKTYMSLRYIYLDGFMIYDPEKQEEYNDILPNPENLDMERYLGLLEYSSRPGSSLLAAVPPTEKRF
VKTHLPLSLMPPNMLDTVKMVYLARDPRDVAVSSFHHARLLYLLNKQSNFKDFWEMFHRGLYTLTPYFEHVKEAWAKRHD
PNMLFLFYEDYLKDLPGCIARIADFLGKKLSEEQIQRLCEHLNFEKFKNNGAVNMEDYREIGILADGEHFIRKGKAGCWR
DYFDEEMTKQAEKWIKDNLKDTDLRYPNMEL
;
_entity_poly.pdbx_strand_id   A,B
#
loop_
_chem_comp.id
_chem_comp.type
_chem_comp.name
_chem_comp.formula
A3P RNA linking ADENOSINE-3'-5'-DIPHOSPHATE 'C10 H15 N5 O10 P2'
CA non-polymer 'CALCIUM ION' 'Ca 2'
HG non-polymer 'MERCURY (II) ION' 'Hg 2'
RTL non-polymer RETINOL 'C20 H30 O'
#
# COMPACT_ATOMS: atom_id res chain seq x y z
N PRO A 8 8.83 13.78 -33.27
CA PRO A 8 9.32 12.48 -32.73
C PRO A 8 9.18 12.46 -31.21
N PHE A 9 8.25 11.66 -30.69
CA PHE A 9 8.03 11.58 -29.25
C PHE A 9 9.31 11.15 -28.54
N PRO A 10 9.93 12.06 -27.78
CA PRO A 10 11.17 11.81 -27.05
C PRO A 10 11.04 11.23 -25.66
N TYR A 11 9.86 10.79 -25.28
CA TYR A 11 9.66 10.26 -23.94
C TYR A 11 9.42 8.76 -23.82
N GLU A 12 10.01 8.18 -22.78
CA GLU A 12 9.82 6.77 -22.50
C GLU A 12 9.01 6.75 -21.22
N PHE A 13 8.32 5.64 -20.96
CA PHE A 13 7.51 5.53 -19.77
C PHE A 13 7.97 4.30 -19.00
N ARG A 14 7.65 4.27 -17.71
CA ARG A 14 8.03 3.12 -16.91
C ARG A 14 6.89 2.79 -15.98
N GLU A 15 6.82 1.51 -15.62
CA GLU A 15 5.79 1.04 -14.71
C GLU A 15 6.20 1.59 -13.35
N LEU A 16 5.28 1.56 -12.40
CA LEU A 16 5.57 2.02 -11.05
C LEU A 16 6.38 0.93 -10.37
N ASN A 17 7.37 1.29 -9.57
CA ASN A 17 8.16 0.27 -8.88
C ASN A 17 7.29 -0.33 -7.77
N PRO A 18 7.78 -1.37 -7.08
CA PRO A 18 6.96 -1.96 -6.01
C PRO A 18 6.44 -0.97 -4.98
N GLU A 19 7.32 -0.12 -4.45
CA GLU A 19 6.94 0.85 -3.44
C GLU A 19 5.84 1.79 -3.90
N GLU A 20 6.01 2.34 -5.10
CA GLU A 20 5.03 3.27 -5.65
C GLU A 20 3.72 2.52 -5.90
N ASP A 21 3.83 1.41 -6.63
CA ASP A 21 2.64 0.61 -6.93
C ASP A 21 1.92 0.24 -5.65
N LYS A 22 2.67 0.08 -4.56
CA LYS A 22 2.02 -0.30 -3.32
C LYS A 22 1.13 0.81 -2.76
N LEU A 23 1.65 2.04 -2.74
CA LEU A 23 0.89 3.17 -2.22
C LEU A 23 -0.30 3.50 -3.11
N VAL A 24 -0.15 3.31 -4.42
CA VAL A 24 -1.25 3.60 -5.31
C VAL A 24 -2.33 2.52 -5.22
N LYS A 25 -1.91 1.26 -5.37
CA LYS A 25 -2.84 0.14 -5.31
C LYS A 25 -3.51 0.00 -3.94
N ALA A 26 -3.24 0.95 -3.06
CA ALA A 26 -3.82 0.94 -1.72
C ALA A 26 -4.85 2.06 -1.56
N ASN A 27 -4.97 2.88 -2.59
CA ASN A 27 -5.92 3.99 -2.58
C ASN A 27 -6.73 4.04 -3.86
N LEU A 28 -6.12 3.61 -4.96
CA LEU A 28 -6.77 3.64 -6.27
C LEU A 28 -6.88 2.24 -6.87
N GLY A 29 -6.45 1.23 -6.12
CA GLY A 29 -6.47 -0.15 -6.60
C GLY A 29 -7.77 -0.64 -7.22
N ALA A 30 -8.89 -0.35 -6.56
CA ALA A 30 -10.19 -0.79 -7.05
C ALA A 30 -10.49 -0.25 -8.45
N PHE A 31 -10.06 0.97 -8.74
CA PHE A 31 -10.34 1.54 -10.06
C PHE A 31 -9.59 0.75 -11.12
N PRO A 32 -10.26 0.45 -12.25
CA PRO A 32 -9.70 -0.31 -13.36
C PRO A 32 -8.47 0.24 -14.09
N THR A 33 -8.50 1.51 -14.49
CA THR A 33 -7.37 2.09 -15.22
C THR A 33 -6.12 2.22 -14.35
N THR A 34 -4.98 1.83 -14.90
CA THR A 34 -3.70 1.90 -14.18
C THR A 34 -2.83 3.03 -14.70
N TYR A 35 -1.74 3.32 -13.97
CA TYR A 35 -0.82 4.39 -14.37
C TYR A 35 0.55 3.89 -14.84
N VAL A 36 1.35 4.84 -15.32
CA VAL A 36 2.73 4.64 -15.75
C VAL A 36 3.36 6.02 -15.68
N LYS A 37 4.64 6.07 -15.34
CA LYS A 37 5.37 7.33 -15.24
C LYS A 37 5.75 7.73 -16.67
N LEU A 38 5.65 9.02 -16.99
CA LEU A 38 5.96 9.46 -18.34
C LEU A 38 6.99 10.58 -18.41
N GLY A 39 8.04 10.38 -19.20
CA GLY A 39 9.06 11.40 -19.34
C GLY A 39 10.06 11.44 -18.18
N PRO A 40 11.13 12.23 -18.32
CA PRO A 40 12.16 12.35 -17.27
C PRO A 40 11.61 12.86 -15.95
N LYS A 41 10.46 13.54 -15.99
CA LYS A 41 9.85 14.06 -14.77
C LYS A 41 8.88 13.03 -14.17
N GLY A 42 8.61 11.95 -14.90
CA GLY A 42 7.71 10.93 -14.40
C GLY A 42 6.28 11.39 -14.12
N TYR A 43 5.68 12.07 -15.08
CA TYR A 43 4.31 12.54 -14.93
C TYR A 43 3.39 11.33 -14.87
N MET A 44 2.55 11.30 -13.85
CA MET A 44 1.59 10.21 -13.69
C MET A 44 0.49 10.28 -14.74
N VAL A 45 0.48 9.33 -15.68
CA VAL A 45 -0.57 9.34 -16.69
C VAL A 45 -1.26 7.99 -16.75
N TYR A 46 -2.58 8.03 -16.94
CA TYR A 46 -3.34 6.80 -17.05
C TYR A 46 -2.79 6.06 -18.27
N ARG A 47 -2.55 4.76 -18.12
CA ARG A 47 -1.97 3.95 -19.20
C ARG A 47 -2.54 4.23 -20.60
N PRO A 48 -3.87 4.28 -20.75
CA PRO A 48 -4.48 4.55 -22.05
C PRO A 48 -3.95 5.81 -22.74
N TYR A 49 -3.22 6.63 -22.00
CA TYR A 49 -2.69 7.86 -22.58
C TYR A 49 -1.66 7.57 -23.65
N LEU A 50 -0.83 6.56 -23.41
CA LEU A 50 0.25 6.19 -24.32
C LEU A 50 -0.15 5.94 -25.78
N LYS A 51 -1.40 5.58 -26.04
CA LYS A 51 -1.82 5.32 -27.42
C LYS A 51 -1.99 6.63 -28.22
N ASP A 52 -2.05 7.76 -27.52
CA ASP A 52 -2.25 9.05 -28.18
C ASP A 52 -1.21 10.11 -27.82
N ALA A 53 -0.21 9.73 -27.02
CA ALA A 53 0.82 10.68 -26.58
C ALA A 53 1.60 11.35 -27.71
N ALA A 54 2.06 10.57 -28.67
CA ALA A 54 2.82 11.11 -29.80
C ALA A 54 1.94 12.04 -30.66
N ASN A 55 0.71 11.62 -30.92
CA ASN A 55 -0.22 12.42 -31.69
C ASN A 55 -0.47 13.77 -31.04
N ILE A 56 -0.62 13.76 -29.71
CA ILE A 56 -0.87 15.00 -28.98
C ILE A 56 0.38 15.87 -28.98
N TYR A 57 1.55 15.23 -29.04
CA TYR A 57 2.81 15.96 -29.06
C TYR A 57 2.95 16.64 -30.42
N ASN A 58 2.33 16.06 -31.43
CA ASN A 58 2.40 16.60 -32.77
C ASN A 58 1.08 17.18 -33.28
N MET A 59 0.10 17.35 -32.40
CA MET A 59 -1.20 17.86 -32.83
C MET A 59 -1.13 19.18 -33.61
N PRO A 60 -1.74 19.20 -34.80
CA PRO A 60 -1.72 20.44 -35.58
C PRO A 60 -2.50 21.51 -34.82
N LEU A 61 -1.93 22.71 -34.75
CA LEU A 61 -2.58 23.81 -34.04
C LEU A 61 -2.98 24.94 -34.98
N ARG A 62 -3.97 25.73 -34.54
CA ARG A 62 -4.51 26.83 -35.30
C ARG A 62 -4.43 28.13 -34.50
N PRO A 63 -4.21 29.27 -35.20
CA PRO A 63 -4.10 30.59 -34.55
C PRO A 63 -5.33 31.01 -33.76
N THR A 64 -6.50 30.44 -34.05
CA THR A 64 -7.71 30.80 -33.30
C THR A 64 -7.98 29.86 -32.13
N ASP A 65 -7.11 28.88 -31.93
CA ASP A 65 -7.27 27.95 -30.82
C ASP A 65 -7.06 28.67 -29.49
N VAL A 66 -7.85 28.31 -28.48
CA VAL A 66 -7.69 28.89 -27.16
C VAL A 66 -7.70 27.74 -26.16
N PHE A 67 -6.65 27.66 -25.34
CA PHE A 67 -6.54 26.59 -24.35
C PHE A 67 -6.71 27.07 -22.93
N VAL A 68 -7.36 26.24 -22.13
CA VAL A 68 -7.50 26.52 -20.71
C VAL A 68 -6.82 25.29 -20.11
N ALA A 69 -5.70 25.51 -19.46
CA ALA A 69 -4.92 24.43 -18.88
C ALA A 69 -4.70 24.65 -17.39
N SER A 70 -4.36 23.58 -16.70
CA SER A 70 -4.15 23.67 -15.26
C SER A 70 -3.93 22.31 -14.67
N TYR A 71 -3.48 22.28 -13.42
CA TYR A 71 -3.38 21.00 -12.75
C TYR A 71 -4.84 20.94 -12.27
N GLN A 72 -5.47 19.78 -12.34
CA GLN A 72 -6.89 19.69 -11.97
C GLN A 72 -7.32 20.27 -10.62
N ARG A 73 -8.55 20.79 -10.61
CA ARG A 73 -9.18 21.37 -9.43
C ARG A 73 -8.56 22.70 -9.02
N SER A 74 -8.00 23.40 -10.00
CA SER A 74 -7.36 24.68 -9.75
C SER A 74 -8.14 25.87 -10.27
N GLY A 75 -9.35 25.63 -10.76
CA GLY A 75 -10.16 26.73 -11.28
C GLY A 75 -10.40 26.72 -12.79
N THR A 76 -10.28 25.54 -13.40
CA THR A 76 -10.47 25.42 -14.84
C THR A 76 -11.89 25.75 -15.33
N THR A 77 -12.89 25.23 -14.64
CA THR A 77 -14.28 25.45 -15.05
C THR A 77 -14.66 26.93 -15.13
N MET A 78 -14.32 27.69 -14.08
CA MET A 78 -14.59 29.11 -14.03
C MET A 78 -13.98 29.78 -15.23
N THR A 79 -12.69 29.54 -15.41
CA THR A 79 -11.91 30.10 -16.50
C THR A 79 -12.52 29.74 -17.84
N GLN A 80 -12.93 28.49 -18.01
CA GLN A 80 -13.54 28.08 -19.27
C GLN A 80 -14.77 28.92 -19.59
N GLU A 81 -15.59 29.16 -18.57
CA GLU A 81 -16.81 29.94 -18.77
C GLU A 81 -16.49 31.38 -19.11
N LEU A 82 -15.58 31.98 -18.35
CA LEU A 82 -15.17 33.36 -18.59
C LEU A 82 -14.64 33.50 -20.01
N VAL A 83 -13.68 32.64 -20.35
CA VAL A 83 -13.05 32.65 -21.66
C VAL A 83 -14.04 32.44 -22.81
N TRP A 84 -15.04 31.57 -22.61
CA TRP A 84 -15.99 31.33 -23.68
C TRP A 84 -16.89 32.51 -23.89
N LEU A 85 -17.41 33.07 -22.82
CA LEU A 85 -18.30 34.22 -22.92
C LEU A 85 -17.60 35.42 -23.53
N ILE A 86 -16.36 35.65 -23.11
CA ILE A 86 -15.58 36.78 -23.62
C ILE A 86 -15.24 36.64 -25.10
N GLU A 87 -14.95 35.43 -25.55
CA GLU A 87 -14.64 35.18 -26.95
C GLU A 87 -15.93 35.19 -27.77
N ASN A 88 -17.07 35.02 -27.11
CA ASN A 88 -18.34 34.98 -27.83
C ASN A 88 -19.33 36.13 -27.57
N ASP A 89 -18.81 37.33 -27.41
CA ASP A 89 -19.65 38.52 -27.20
C ASP A 89 -20.63 38.42 -26.05
N LEU A 90 -20.18 37.84 -24.94
CA LEU A 90 -21.04 37.70 -23.77
C LEU A 90 -22.44 37.22 -24.12
N ASN A 91 -22.50 36.19 -24.97
CA ASN A 91 -23.78 35.61 -25.37
C ASN A 91 -24.11 34.54 -24.33
N PHE A 92 -24.68 34.98 -23.21
CA PHE A 92 -25.03 34.05 -22.14
C PHE A 92 -26.02 33.00 -22.60
N GLU A 93 -26.97 33.42 -23.45
CA GLU A 93 -27.98 32.52 -23.96
C GLU A 93 -27.33 31.31 -24.60
N ALA A 94 -26.33 31.56 -25.44
CA ALA A 94 -25.61 30.48 -26.12
C ALA A 94 -24.75 29.68 -25.14
N ALA A 95 -24.30 30.33 -24.07
CA ALA A 95 -23.47 29.67 -23.06
C ALA A 95 -24.28 28.65 -22.24
N LYS A 96 -25.55 28.49 -22.57
CA LYS A 96 -26.38 27.54 -21.84
C LYS A 96 -26.14 26.11 -22.28
N THR A 97 -25.41 25.93 -23.38
CA THR A 97 -25.12 24.58 -23.84
C THR A 97 -24.09 24.00 -22.87
N TYR A 98 -24.06 22.68 -22.76
CA TYR A 98 -23.13 22.00 -21.86
C TYR A 98 -21.67 22.37 -22.14
N MET A 99 -20.96 22.75 -21.08
CA MET A 99 -19.54 23.12 -21.17
C MET A 99 -18.80 22.00 -21.90
N SER A 100 -19.17 20.76 -21.60
CA SER A 100 -18.52 19.62 -22.22
C SER A 100 -18.71 19.60 -23.74
N LEU A 101 -19.64 20.41 -24.25
CA LEU A 101 -19.86 20.49 -25.69
C LEU A 101 -19.17 21.73 -26.26
N ARG A 102 -18.85 22.69 -25.42
CA ARG A 102 -18.20 23.91 -25.88
C ARG A 102 -16.68 23.79 -25.89
N TYR A 103 -16.18 22.82 -25.11
CA TYR A 103 -14.75 22.56 -25.01
C TYR A 103 -14.43 21.10 -25.28
N ILE A 104 -13.26 20.85 -25.86
CA ILE A 104 -12.83 19.49 -26.09
C ILE A 104 -11.86 19.25 -24.94
N TYR A 105 -12.09 18.17 -24.22
CA TYR A 105 -11.24 17.81 -23.09
C TYR A 105 -10.15 16.95 -23.72
N LEU A 106 -9.01 17.58 -24.00
CA LEU A 106 -7.88 16.91 -24.63
C LEU A 106 -7.44 15.61 -23.97
N ASP A 107 -7.22 15.62 -22.66
CA ASP A 107 -6.78 14.42 -21.96
C ASP A 107 -7.87 13.65 -21.23
N GLY A 108 -9.13 13.98 -21.48
CA GLY A 108 -10.22 13.27 -20.81
C GLY A 108 -10.28 11.77 -21.09
N PHE A 109 -10.02 11.40 -22.33
CA PHE A 109 -10.09 9.99 -22.72
C PHE A 109 -9.23 9.04 -21.90
N MET A 110 -8.02 9.49 -21.54
CA MET A 110 -7.07 8.60 -20.83
C MET A 110 -7.56 7.87 -19.59
N ILE A 111 -8.59 8.37 -18.92
CA ILE A 111 -9.05 7.70 -17.71
C ILE A 111 -9.80 6.41 -18.04
N TYR A 112 -10.10 6.22 -19.32
CA TYR A 112 -10.85 5.03 -19.75
C TYR A 112 -10.03 4.05 -20.56
N ASP A 113 -10.11 2.77 -20.20
CA ASP A 113 -9.39 1.69 -20.89
C ASP A 113 -10.43 0.73 -21.49
N PRO A 114 -10.73 0.83 -22.79
CA PRO A 114 -11.71 -0.03 -23.46
C PRO A 114 -11.55 -1.52 -23.16
N GLU A 115 -10.29 -1.95 -23.04
CA GLU A 115 -9.97 -3.35 -22.76
C GLU A 115 -10.58 -3.80 -21.43
N LYS A 116 -10.93 -2.85 -20.56
CA LYS A 116 -11.49 -3.19 -19.27
C LYS A 116 -12.93 -2.69 -19.08
N GLN A 117 -13.62 -2.49 -20.18
CA GLN A 117 -14.99 -1.99 -20.15
C GLN A 117 -15.88 -2.69 -19.11
N GLU A 118 -15.74 -4.00 -18.98
CA GLU A 118 -16.57 -4.74 -18.03
C GLU A 118 -16.29 -4.44 -16.56
N GLU A 119 -15.08 -3.99 -16.28
CA GLU A 119 -14.65 -3.71 -14.91
C GLU A 119 -15.11 -2.39 -14.29
N TYR A 120 -15.51 -1.42 -15.11
CA TYR A 120 -15.89 -0.12 -14.57
C TYR A 120 -17.20 0.04 -13.82
N ASN A 121 -18.24 -0.66 -14.24
CA ASN A 121 -19.52 -0.52 -13.56
C ASN A 121 -19.48 -1.19 -12.20
N ASP A 122 -18.46 -2.02 -11.99
CA ASP A 122 -18.31 -2.74 -10.73
C ASP A 122 -17.83 -1.83 -9.61
N ILE A 123 -17.44 -0.60 -9.95
CA ILE A 123 -16.98 0.34 -8.93
C ILE A 123 -18.17 1.10 -8.36
N LEU A 124 -19.34 0.85 -8.93
CA LEU A 124 -20.58 1.50 -8.50
C LEU A 124 -21.32 0.70 -7.45
N PRO A 125 -21.93 1.39 -6.47
CA PRO A 125 -22.69 0.72 -5.40
C PRO A 125 -23.79 -0.14 -6.01
N ASN A 126 -24.51 0.43 -6.97
CA ASN A 126 -25.60 -0.28 -7.64
C ASN A 126 -25.47 -0.18 -9.15
N PRO A 127 -24.61 -1.02 -9.75
CA PRO A 127 -24.37 -1.05 -11.19
C PRO A 127 -25.65 -1.23 -12.00
N GLU A 128 -26.70 -1.70 -11.33
CA GLU A 128 -27.98 -1.96 -11.97
C GLU A 128 -28.80 -0.69 -12.24
N ASN A 129 -28.55 0.36 -11.47
CA ASN A 129 -29.29 1.60 -11.64
C ASN A 129 -28.66 2.53 -12.67
N LEU A 130 -27.98 1.94 -13.65
CA LEU A 130 -27.33 2.73 -14.70
C LEU A 130 -28.25 2.94 -15.89
N ASP A 131 -28.10 4.10 -16.53
CA ASP A 131 -28.87 4.41 -17.73
C ASP A 131 -27.92 3.94 -18.82
N MET A 132 -27.90 2.63 -19.04
CA MET A 132 -27.00 2.01 -20.02
C MET A 132 -26.81 2.75 -21.33
N GLU A 133 -27.89 3.26 -21.91
CA GLU A 133 -27.79 3.98 -23.17
C GLU A 133 -26.82 5.16 -23.05
N ARG A 134 -26.98 5.97 -22.01
CA ARG A 134 -26.11 7.12 -21.82
C ARG A 134 -24.74 6.69 -21.32
N TYR A 135 -24.72 5.72 -20.40
CA TYR A 135 -23.48 5.22 -19.85
C TYR A 135 -22.56 4.71 -20.96
N LEU A 136 -23.12 3.93 -21.87
CA LEU A 136 -22.37 3.38 -22.99
C LEU A 136 -21.96 4.48 -23.96
N GLY A 137 -22.81 5.48 -24.15
CA GLY A 137 -22.48 6.58 -25.04
C GLY A 137 -21.30 7.33 -24.44
N LEU A 138 -21.23 7.34 -23.11
CA LEU A 138 -20.15 8.00 -22.38
C LEU A 138 -18.85 7.24 -22.60
N LEU A 139 -18.93 5.91 -22.50
CA LEU A 139 -17.76 5.08 -22.70
C LEU A 139 -17.21 5.19 -24.13
N GLU A 140 -18.10 5.31 -25.11
CA GLU A 140 -17.66 5.39 -26.50
C GLU A 140 -16.91 6.68 -26.81
N TYR A 141 -17.45 7.81 -26.35
CA TYR A 141 -16.82 9.10 -26.58
C TYR A 141 -15.46 9.10 -25.92
N SER A 142 -15.41 8.53 -24.71
CA SER A 142 -14.17 8.47 -23.96
C SER A 142 -13.12 7.55 -24.56
N SER A 143 -13.54 6.71 -25.49
CA SER A 143 -12.63 5.78 -26.16
C SER A 143 -11.92 6.47 -27.31
N ARG A 144 -12.35 7.68 -27.63
CA ARG A 144 -11.77 8.45 -28.71
C ARG A 144 -10.58 9.30 -28.24
N PRO A 145 -9.39 9.08 -28.83
CA PRO A 145 -8.23 9.87 -28.43
C PRO A 145 -8.53 11.37 -28.49
N GLY A 146 -7.93 12.13 -27.59
CA GLY A 146 -8.16 13.56 -27.57
C GLY A 146 -7.77 14.26 -28.87
N SER A 147 -6.66 13.83 -29.46
CA SER A 147 -6.20 14.44 -30.69
C SER A 147 -7.20 14.30 -31.84
N SER A 148 -7.87 13.16 -31.93
CA SER A 148 -8.84 12.97 -33.00
C SER A 148 -10.03 13.90 -32.80
N LEU A 149 -10.37 14.20 -31.54
CA LEU A 149 -11.50 15.08 -31.27
C LEU A 149 -11.19 16.48 -31.80
N LEU A 150 -10.01 17.00 -31.48
CA LEU A 150 -9.61 18.33 -31.95
C LEU A 150 -9.55 18.36 -33.48
N ALA A 151 -8.84 17.40 -34.05
CA ALA A 151 -8.66 17.32 -35.51
C ALA A 151 -9.99 17.30 -36.26
N ALA A 152 -11.01 16.74 -35.63
CA ALA A 152 -12.33 16.65 -36.23
C ALA A 152 -13.09 17.98 -36.29
N VAL A 153 -12.77 18.90 -35.38
CA VAL A 153 -13.44 20.20 -35.39
C VAL A 153 -13.10 20.94 -36.69
N PRO A 154 -14.13 21.38 -37.44
CA PRO A 154 -13.90 22.09 -38.70
C PRO A 154 -13.12 23.40 -38.48
N PRO A 155 -12.24 23.78 -39.43
CA PRO A 155 -11.45 25.00 -39.34
C PRO A 155 -12.28 26.26 -39.10
N THR A 156 -13.50 26.26 -39.60
CA THR A 156 -14.38 27.42 -39.46
C THR A 156 -15.04 27.51 -38.10
N GLU A 157 -14.66 26.61 -37.20
CA GLU A 157 -15.19 26.62 -35.85
C GLU A 157 -14.05 26.82 -34.87
N LYS A 158 -14.10 27.91 -34.11
CA LYS A 158 -13.04 28.17 -33.14
C LYS A 158 -12.99 27.01 -32.15
N ARG A 159 -11.78 26.52 -31.88
CA ARG A 159 -11.61 25.41 -30.96
C ARG A 159 -11.21 25.86 -29.57
N PHE A 160 -12.01 25.44 -28.59
CA PHE A 160 -11.74 25.73 -27.19
C PHE A 160 -11.26 24.41 -26.60
N VAL A 161 -10.03 24.38 -26.12
CA VAL A 161 -9.47 23.16 -25.56
C VAL A 161 -9.21 23.23 -24.07
N LYS A 162 -9.68 22.22 -23.36
CA LYS A 162 -9.48 22.12 -21.92
C LYS A 162 -8.45 21.03 -21.73
N THR A 163 -7.46 21.25 -20.87
CA THR A 163 -6.47 20.21 -20.66
C THR A 163 -5.78 20.32 -19.31
N HIS A 164 -5.34 19.18 -18.81
CA HIS A 164 -4.61 19.11 -17.56
C HIS A 164 -3.21 18.59 -17.91
N LEU A 165 -2.86 18.63 -19.19
CA LEU A 165 -1.54 18.16 -19.57
C LEU A 165 -0.50 19.26 -19.41
N PRO A 166 0.66 18.92 -18.82
CA PRO A 166 1.73 19.91 -18.63
C PRO A 166 2.24 20.24 -20.04
N LEU A 167 2.80 21.43 -20.21
CA LEU A 167 3.30 21.85 -21.51
C LEU A 167 4.26 20.90 -22.22
N SER A 168 5.11 20.20 -21.47
CA SER A 168 6.08 19.28 -22.08
C SER A 168 5.50 18.10 -22.84
N LEU A 169 4.22 17.80 -22.62
CA LEU A 169 3.60 16.69 -23.34
C LEU A 169 2.84 17.21 -24.56
N MET A 170 2.78 18.53 -24.70
CA MET A 170 2.09 19.12 -25.83
C MET A 170 3.14 19.72 -26.76
N PRO A 171 2.75 20.05 -28.00
CA PRO A 171 3.67 20.62 -28.98
C PRO A 171 4.58 21.73 -28.47
N PRO A 172 5.90 21.54 -28.57
CA PRO A 172 6.79 22.60 -28.09
C PRO A 172 6.53 23.79 -29.01
N ASN A 173 6.62 24.99 -28.47
CA ASN A 173 6.37 26.18 -29.26
C ASN A 173 4.88 26.28 -29.62
N MET A 174 4.03 25.49 -28.95
CA MET A 174 2.61 25.54 -29.22
C MET A 174 2.11 26.98 -29.01
N LEU A 175 2.74 27.68 -28.07
CA LEU A 175 2.37 29.05 -27.76
C LEU A 175 2.67 30.05 -28.89
N ASP A 176 3.41 29.61 -29.91
CA ASP A 176 3.69 30.51 -31.04
C ASP A 176 2.41 30.62 -31.85
N THR A 177 1.53 29.63 -31.68
CA THR A 177 0.29 29.63 -32.45
C THR A 177 -0.99 29.90 -31.65
N VAL A 178 -1.11 29.27 -30.50
CA VAL A 178 -2.32 29.40 -29.70
C VAL A 178 -2.18 30.19 -28.42
N LYS A 179 -3.32 30.64 -27.90
CA LYS A 179 -3.35 31.37 -26.65
C LYS A 179 -3.74 30.36 -25.57
N MET A 180 -3.20 30.55 -24.37
CA MET A 180 -3.47 29.67 -23.26
C MET A 180 -3.60 30.41 -21.94
N VAL A 181 -4.56 29.99 -21.13
CA VAL A 181 -4.75 30.57 -19.80
C VAL A 181 -4.50 29.41 -18.87
N TYR A 182 -3.48 29.52 -18.02
CA TYR A 182 -3.15 28.46 -17.11
C TYR A 182 -3.46 28.86 -15.69
N LEU A 183 -4.21 28.01 -15.00
CA LEU A 183 -4.59 28.27 -13.62
C LEU A 183 -3.80 27.42 -12.64
N ALA A 184 -3.38 28.07 -11.54
CA ALA A 184 -2.64 27.43 -10.46
C ALA A 184 -3.40 27.76 -9.18
N ARG A 185 -3.26 26.91 -8.19
CA ARG A 185 -3.95 27.10 -6.92
C ARG A 185 -3.12 26.46 -5.82
N ASP A 186 -3.22 27.00 -4.61
CA ASP A 186 -2.48 26.45 -3.46
C ASP A 186 -2.62 24.93 -3.54
N PRO A 187 -1.49 24.20 -3.55
CA PRO A 187 -1.46 22.73 -3.64
C PRO A 187 -2.28 22.00 -2.56
N ARG A 188 -2.33 22.59 -1.38
CA ARG A 188 -3.07 21.95 -0.28
C ARG A 188 -4.57 21.91 -0.52
N ASP A 189 -5.13 22.98 -1.07
CA ASP A 189 -6.56 23.02 -1.38
C ASP A 189 -6.85 22.18 -2.63
N VAL A 190 -5.87 22.11 -3.53
CA VAL A 190 -5.98 21.31 -4.74
C VAL A 190 -6.10 19.85 -4.31
N ALA A 191 -5.30 19.47 -3.31
CA ALA A 191 -5.30 18.10 -2.81
C ALA A 191 -6.67 17.77 -2.23
N VAL A 192 -7.20 18.68 -1.41
CA VAL A 192 -8.52 18.48 -0.82
C VAL A 192 -9.59 18.40 -1.93
N SER A 193 -9.53 19.31 -2.89
CA SER A 193 -10.52 19.28 -3.96
C SER A 193 -10.36 18.04 -4.83
N SER A 194 -9.11 17.61 -5.03
CA SER A 194 -8.86 16.43 -5.84
C SER A 194 -9.34 15.19 -5.10
N PHE A 195 -9.22 15.21 -3.77
CA PHE A 195 -9.67 14.09 -2.96
C PHE A 195 -11.17 13.90 -3.20
N HIS A 196 -11.95 14.96 -3.03
CA HIS A 196 -13.39 14.92 -3.21
C HIS A 196 -13.82 14.58 -4.62
N HIS A 197 -13.06 15.07 -5.59
CA HIS A 197 -13.34 14.79 -6.98
C HIS A 197 -13.12 13.30 -7.28
N ALA A 198 -12.13 12.70 -6.60
CA ALA A 198 -11.86 11.28 -6.80
C ALA A 198 -13.03 10.50 -6.21
N ARG A 199 -13.57 11.00 -5.11
CA ARG A 199 -14.72 10.35 -4.48
C ARG A 199 -15.93 10.45 -5.41
N LEU A 200 -16.09 11.61 -6.04
CA LEU A 200 -17.21 11.86 -6.95
C LEU A 200 -17.33 10.81 -8.06
N LEU A 201 -16.21 10.46 -8.68
CA LEU A 201 -16.20 9.50 -9.78
C LEU A 201 -15.86 8.07 -9.38
N TYR A 202 -15.89 7.79 -8.07
CA TYR A 202 -15.60 6.46 -7.56
C TYR A 202 -14.18 6.02 -7.90
N LEU A 203 -13.24 6.96 -7.94
CA LEU A 203 -11.85 6.64 -8.26
C LEU A 203 -11.07 6.11 -7.06
N LEU A 204 -11.50 6.47 -5.86
CA LEU A 204 -10.81 6.05 -4.64
C LEU A 204 -11.45 4.88 -3.91
N ASN A 205 -10.61 4.10 -3.24
CA ASN A 205 -11.09 2.98 -2.45
C ASN A 205 -11.86 3.62 -1.30
N LYS A 206 -13.07 3.14 -1.05
CA LYS A 206 -13.93 3.69 0.00
C LYS A 206 -13.27 3.73 1.38
N GLN A 207 -12.44 2.73 1.69
CA GLN A 207 -11.78 2.66 2.98
C GLN A 207 -10.55 3.57 3.08
N SER A 208 -10.30 4.37 2.05
CA SER A 208 -9.16 5.28 2.03
C SER A 208 -9.61 6.67 2.50
N ASN A 209 -8.72 7.39 3.17
CA ASN A 209 -9.04 8.73 3.66
C ASN A 209 -8.18 9.81 2.98
N PHE A 210 -8.37 11.05 3.41
CA PHE A 210 -7.62 12.15 2.80
C PHE A 210 -6.12 12.09 3.03
N LYS A 211 -5.69 11.66 4.22
CA LYS A 211 -4.26 11.60 4.47
C LYS A 211 -3.59 10.62 3.52
N ASP A 212 -4.25 9.51 3.21
CA ASP A 212 -3.67 8.54 2.27
C ASP A 212 -3.63 9.21 0.90
N PHE A 213 -4.63 10.04 0.62
CA PHE A 213 -4.69 10.72 -0.66
C PHE A 213 -3.56 11.74 -0.70
N TRP A 214 -3.32 12.42 0.41
CA TRP A 214 -2.26 13.42 0.51
C TRP A 214 -0.86 12.83 0.34
N GLU A 215 -0.64 11.65 0.91
CA GLU A 215 0.65 10.99 0.78
C GLU A 215 0.96 10.78 -0.69
N MET A 216 -0.05 10.26 -1.39
CA MET A 216 0.06 9.96 -2.82
C MET A 216 0.25 11.22 -3.62
N PHE A 217 -0.62 12.20 -3.39
CA PHE A 217 -0.55 13.47 -4.11
C PHE A 217 0.75 14.27 -3.98
N HIS A 218 1.28 14.40 -2.76
CA HIS A 218 2.52 15.18 -2.62
C HIS A 218 3.77 14.40 -3.00
N ARG A 219 3.64 13.09 -3.18
CA ARG A 219 4.77 12.26 -3.56
C ARG A 219 4.80 12.08 -5.07
N GLY A 220 3.93 12.81 -5.76
CA GLY A 220 3.86 12.71 -7.20
C GLY A 220 3.32 11.39 -7.68
N LEU A 221 2.41 10.79 -6.90
CA LEU A 221 1.83 9.51 -7.26
C LEU A 221 0.35 9.59 -7.61
N TYR A 222 -0.16 10.80 -7.82
CA TYR A 222 -1.55 10.93 -8.24
C TYR A 222 -1.55 11.45 -9.67
N THR A 223 -2.71 11.41 -10.28
CA THR A 223 -2.91 11.83 -11.67
C THR A 223 -2.26 13.15 -12.07
N LEU A 224 -1.41 13.07 -13.09
CA LEU A 224 -0.67 14.18 -13.68
C LEU A 224 0.29 14.98 -12.80
N THR A 225 0.65 14.43 -11.63
CA THR A 225 1.65 15.05 -10.78
C THR A 225 2.95 14.49 -11.41
N PRO A 226 4.13 14.91 -10.94
CA PRO A 226 4.49 15.84 -9.86
C PRO A 226 3.79 17.18 -10.01
N TYR A 227 3.10 17.62 -8.96
CA TYR A 227 2.38 18.88 -8.98
C TYR A 227 3.26 20.09 -9.35
N PHE A 228 4.37 20.28 -8.65
CA PHE A 228 5.19 21.44 -8.94
C PHE A 228 5.86 21.46 -10.32
N GLU A 229 6.17 20.29 -10.87
CA GLU A 229 6.77 20.27 -12.21
C GLU A 229 5.72 20.75 -13.20
N HIS A 230 4.46 20.42 -12.95
CA HIS A 230 3.36 20.83 -13.82
C HIS A 230 3.24 22.36 -13.79
N VAL A 231 3.19 22.92 -12.60
CA VAL A 231 3.10 24.37 -12.44
C VAL A 231 4.32 25.11 -12.96
N LYS A 232 5.51 24.63 -12.61
CA LYS A 232 6.74 25.29 -13.04
C LYS A 232 6.87 25.43 -14.55
N GLU A 233 6.43 24.43 -15.30
CA GLU A 233 6.51 24.47 -16.75
C GLU A 233 5.71 25.63 -17.33
N ALA A 234 4.57 25.91 -16.72
CA ALA A 234 3.73 27.01 -17.19
C ALA A 234 4.27 28.32 -16.66
N TRP A 235 4.75 28.28 -15.42
CA TRP A 235 5.30 29.45 -14.78
C TRP A 235 6.51 29.99 -15.55
N ALA A 236 7.28 29.07 -16.13
CA ALA A 236 8.46 29.45 -16.91
C ALA A 236 8.08 30.14 -18.21
N LYS A 237 6.87 29.86 -18.70
CA LYS A 237 6.38 30.46 -19.95
C LYS A 237 5.43 31.63 -19.76
N ARG A 238 5.23 32.08 -18.53
CA ARG A 238 4.30 33.18 -18.28
C ARG A 238 4.63 34.50 -18.95
N HIS A 239 5.90 34.66 -19.36
CA HIS A 239 6.35 35.88 -20.01
C HIS A 239 5.77 36.01 -21.42
N ASP A 240 5.61 34.87 -22.09
CA ASP A 240 5.08 34.81 -23.45
C ASP A 240 3.73 35.54 -23.58
N PRO A 241 3.57 36.33 -24.65
CA PRO A 241 2.33 37.08 -24.88
C PRO A 241 1.09 36.20 -25.04
N ASN A 242 1.28 34.94 -25.40
CA ASN A 242 0.16 34.02 -25.59
C ASN A 242 -0.14 33.14 -24.39
N MET A 243 0.45 33.50 -23.25
CA MET A 243 0.24 32.77 -22.01
C MET A 243 -0.23 33.70 -20.90
N LEU A 244 -1.26 33.28 -20.19
CA LEU A 244 -1.80 34.06 -19.07
C LEU A 244 -1.85 33.15 -17.85
N PHE A 245 -0.89 33.33 -16.96
CA PHE A 245 -0.82 32.54 -15.73
C PHE A 245 -1.65 33.26 -14.67
N LEU A 246 -2.61 32.56 -14.07
CA LEU A 246 -3.45 33.14 -13.04
C LEU A 246 -3.52 32.24 -11.82
N PHE A 247 -3.89 32.82 -10.69
CA PHE A 247 -4.02 32.06 -9.45
C PHE A 247 -5.49 32.03 -9.04
N TYR A 248 -5.98 30.85 -8.71
CA TYR A 248 -7.37 30.67 -8.30
C TYR A 248 -7.74 31.63 -7.16
N GLU A 249 -6.80 31.86 -6.26
CA GLU A 249 -7.06 32.75 -5.13
C GLU A 249 -7.43 34.16 -5.60
N ASP A 250 -6.76 34.66 -6.62
CA ASP A 250 -7.05 36.00 -7.11
C ASP A 250 -8.47 36.14 -7.64
N TYR A 251 -9.05 35.04 -8.10
CA TYR A 251 -10.43 35.03 -8.60
C TYR A 251 -11.37 35.38 -7.45
N LEU A 252 -11.04 34.89 -6.26
CA LEU A 252 -11.84 35.12 -5.05
C LEU A 252 -11.57 36.48 -4.42
N LYS A 253 -10.40 37.05 -4.67
CA LYS A 253 -10.10 38.35 -4.08
C LYS A 253 -10.65 39.47 -4.96
N ASP A 254 -10.44 39.38 -6.28
CA ASP A 254 -10.90 40.40 -7.20
C ASP A 254 -11.21 39.81 -8.59
N LEU A 255 -12.38 39.18 -8.72
CA LEU A 255 -12.76 38.58 -9.99
C LEU A 255 -12.86 39.62 -11.11
N PRO A 256 -13.45 40.79 -10.81
CA PRO A 256 -13.57 41.84 -11.83
C PRO A 256 -12.19 42.17 -12.43
N GLY A 257 -11.19 42.28 -11.56
CA GLY A 257 -9.84 42.57 -12.00
C GLY A 257 -9.29 41.44 -12.84
N CYS A 258 -9.61 40.21 -12.45
CA CYS A 258 -9.16 39.05 -13.20
C CYS A 258 -9.88 39.00 -14.55
N ILE A 259 -11.17 39.28 -14.54
CA ILE A 259 -11.94 39.27 -15.78
C ILE A 259 -11.34 40.25 -16.79
N ALA A 260 -10.84 41.37 -16.29
CA ALA A 260 -10.22 42.38 -17.13
C ALA A 260 -8.91 41.86 -17.70
N ARG A 261 -8.12 41.22 -16.85
CA ARG A 261 -6.86 40.67 -17.32
C ARG A 261 -7.12 39.68 -18.46
N ILE A 262 -8.12 38.82 -18.29
CA ILE A 262 -8.43 37.83 -19.31
C ILE A 262 -8.95 38.50 -20.59
N ALA A 263 -9.68 39.60 -20.46
CA ALA A 263 -10.20 40.30 -21.63
C ALA A 263 -9.06 40.89 -22.43
N ASP A 264 -8.16 41.60 -21.77
CA ASP A 264 -7.01 42.21 -22.45
C ASP A 264 -6.20 41.14 -23.16
N PHE A 265 -5.89 40.07 -22.44
CA PHE A 265 -5.13 38.96 -22.98
C PHE A 265 -5.78 38.42 -24.26
N LEU A 266 -7.12 38.38 -24.29
CA LEU A 266 -7.84 37.88 -25.45
C LEU A 266 -8.12 38.95 -26.50
N GLY A 267 -7.59 40.15 -26.26
CA GLY A 267 -7.79 41.24 -27.19
C GLY A 267 -9.25 41.66 -27.28
N LYS A 268 -9.96 41.57 -26.16
CA LYS A 268 -11.38 41.93 -26.12
C LYS A 268 -11.62 43.02 -25.07
N LYS A 269 -12.40 44.03 -25.43
CA LYS A 269 -12.71 45.11 -24.50
C LYS A 269 -14.09 44.93 -23.90
N LEU A 270 -14.18 45.18 -22.59
CA LEU A 270 -15.43 45.04 -21.86
C LEU A 270 -15.73 46.31 -21.08
N SER A 271 -17.00 46.65 -20.98
CA SER A 271 -17.39 47.83 -20.22
C SER A 271 -17.47 47.39 -18.77
N GLU A 272 -17.48 48.33 -17.84
CA GLU A 272 -17.55 47.98 -16.43
C GLU A 272 -18.83 47.21 -16.13
N GLU A 273 -19.88 47.50 -16.90
CA GLU A 273 -21.16 46.83 -16.71
C GLU A 273 -21.02 45.39 -17.17
N GLN A 274 -20.39 45.20 -18.33
CA GLN A 274 -20.18 43.87 -18.89
C GLN A 274 -19.36 43.02 -17.93
N ILE A 275 -18.37 43.65 -17.30
CA ILE A 275 -17.52 42.94 -16.36
C ILE A 275 -18.28 42.54 -15.11
N GLN A 276 -19.08 43.46 -14.58
CA GLN A 276 -19.86 43.19 -13.37
C GLN A 276 -20.88 42.09 -13.66
N ARG A 277 -21.31 42.01 -14.92
CA ARG A 277 -22.28 40.99 -15.30
C ARG A 277 -21.62 39.62 -15.39
N LEU A 278 -20.35 39.60 -15.78
CA LEU A 278 -19.60 38.34 -15.86
C LEU A 278 -19.32 37.88 -14.45
N CYS A 279 -18.95 38.84 -13.59
CA CYS A 279 -18.64 38.52 -12.21
C CYS A 279 -19.86 37.91 -11.52
N GLU A 280 -21.03 38.52 -11.67
CA GLU A 280 -22.22 37.99 -11.03
C GLU A 280 -22.57 36.63 -11.61
N HIS A 281 -22.26 36.42 -12.88
CA HIS A 281 -22.54 35.15 -13.53
C HIS A 281 -21.71 34.03 -12.91
N LEU A 282 -20.56 34.37 -12.35
CA LEU A 282 -19.70 33.37 -11.74
C LEU A 282 -19.88 33.25 -10.26
N ASN A 283 -20.94 33.86 -9.72
CA ASN A 283 -21.20 33.77 -8.29
C ASN A 283 -21.25 32.29 -7.96
N PHE A 284 -20.58 31.86 -6.89
CA PHE A 284 -20.54 30.45 -6.56
C PHE A 284 -21.86 29.71 -6.52
N GLU A 285 -22.85 30.26 -5.82
CA GLU A 285 -24.14 29.59 -5.74
C GLU A 285 -24.82 29.52 -7.09
N LYS A 286 -24.80 30.60 -7.85
CA LYS A 286 -25.42 30.59 -9.16
C LYS A 286 -24.68 29.57 -10.04
N PHE A 287 -23.37 29.73 -10.14
CA PHE A 287 -22.54 28.84 -10.93
C PHE A 287 -22.76 27.38 -10.52
N LYS A 288 -22.79 27.14 -9.21
CA LYS A 288 -22.97 25.80 -8.67
C LYS A 288 -24.25 25.09 -9.15
N ASN A 289 -25.36 25.83 -9.24
CA ASN A 289 -26.62 25.23 -9.69
C ASN A 289 -26.87 25.51 -11.17
N ASN A 290 -25.79 25.80 -11.89
CA ASN A 290 -25.86 26.06 -13.33
C ASN A 290 -25.60 24.71 -13.99
N GLY A 291 -26.69 24.05 -14.39
CA GLY A 291 -26.59 22.75 -15.03
C GLY A 291 -25.70 22.69 -16.25
N ALA A 292 -25.41 23.83 -16.87
CA ALA A 292 -24.56 23.82 -18.05
C ALA A 292 -23.09 23.56 -17.68
N VAL A 293 -22.76 23.75 -16.40
CA VAL A 293 -21.38 23.56 -15.96
C VAL A 293 -21.19 22.69 -14.72
N ASN A 294 -22.26 22.39 -13.99
CA ASN A 294 -22.10 21.59 -12.78
C ASN A 294 -22.04 20.07 -12.96
N MET A 295 -22.10 19.62 -14.21
CA MET A 295 -22.02 18.20 -14.53
C MET A 295 -23.08 17.34 -13.85
N GLU A 296 -24.14 17.97 -13.36
CA GLU A 296 -25.21 17.23 -12.70
C GLU A 296 -26.02 16.41 -13.70
N ASP A 297 -25.80 16.65 -14.98
CA ASP A 297 -26.49 15.94 -16.04
C ASP A 297 -26.04 14.47 -16.05
N TYR A 298 -24.91 14.20 -15.41
CA TYR A 298 -24.38 12.85 -15.34
C TYR A 298 -24.93 12.04 -14.16
N ARG A 299 -25.52 12.71 -13.17
CA ARG A 299 -26.04 11.97 -12.03
C ARG A 299 -27.17 11.03 -12.41
N GLU A 300 -28.02 11.44 -13.35
CA GLU A 300 -29.12 10.60 -13.79
C GLU A 300 -28.59 9.29 -14.38
N ILE A 301 -27.35 9.34 -14.87
CA ILE A 301 -26.72 8.15 -15.45
C ILE A 301 -26.35 7.16 -14.36
N GLY A 302 -25.90 7.66 -13.21
CA GLY A 302 -25.53 6.79 -12.11
C GLY A 302 -24.04 6.71 -11.81
N ILE A 303 -23.24 7.57 -12.45
CA ILE A 303 -21.80 7.54 -12.25
C ILE A 303 -21.23 8.57 -11.28
N LEU A 304 -22.09 9.29 -10.58
CA LEU A 304 -21.63 10.26 -9.61
C LEU A 304 -21.99 9.75 -8.23
N ALA A 305 -21.06 9.86 -7.27
CA ALA A 305 -21.30 9.39 -5.92
C ALA A 305 -22.21 10.34 -5.15
N ASP A 306 -23.08 9.79 -4.31
CA ASP A 306 -23.97 10.61 -3.48
C ASP A 306 -23.11 11.45 -2.55
N GLY A 307 -23.52 12.68 -2.28
CA GLY A 307 -22.76 13.52 -1.37
C GLY A 307 -21.51 14.16 -1.95
N GLU A 308 -21.40 14.17 -3.26
CA GLU A 308 -20.24 14.78 -3.93
C GLU A 308 -20.73 15.55 -5.13
N HIS A 309 -20.10 16.68 -5.40
CA HIS A 309 -20.48 17.53 -6.50
C HIS A 309 -19.25 18.07 -7.22
N PHE A 310 -19.39 18.34 -8.51
CA PHE A 310 -18.30 18.87 -9.33
C PHE A 310 -17.95 20.28 -8.86
N ILE A 311 -18.96 21.09 -8.59
CA ILE A 311 -18.77 22.45 -8.07
C ILE A 311 -19.14 22.25 -6.59
N ARG A 312 -18.11 22.22 -5.75
CA ARG A 312 -18.25 21.90 -4.32
C ARG A 312 -18.35 23.00 -3.26
N LYS A 313 -17.21 23.60 -2.92
CA LYS A 313 -17.14 24.63 -1.88
C LYS A 313 -16.83 26.04 -2.39
N GLY A 314 -15.74 26.18 -3.14
CA GLY A 314 -15.36 27.47 -3.69
C GLY A 314 -14.55 28.39 -2.79
N LYS A 315 -13.97 27.85 -1.73
CA LYS A 315 -13.18 28.68 -0.82
C LYS A 315 -11.70 28.43 -0.97
N ALA A 316 -10.92 29.32 -0.37
CA ALA A 316 -9.48 29.20 -0.38
C ALA A 316 -9.09 29.06 1.09
N GLY A 317 -8.15 28.18 1.39
CA GLY A 317 -7.72 27.99 2.77
C GLY A 317 -8.44 26.93 3.57
N CYS A 318 -9.35 26.19 2.95
CA CYS A 318 -10.07 25.15 3.68
C CYS A 318 -9.18 23.95 4.00
N TRP A 319 -8.00 23.91 3.40
CA TRP A 319 -7.09 22.80 3.65
C TRP A 319 -6.79 22.68 5.16
N ARG A 320 -6.90 23.80 5.88
CA ARG A 320 -6.64 23.78 7.31
C ARG A 320 -7.60 22.86 8.09
N ASP A 321 -8.76 22.57 7.49
CA ASP A 321 -9.73 21.69 8.12
C ASP A 321 -9.45 20.24 7.82
N TYR A 322 -8.48 19.98 6.95
CA TYR A 322 -8.12 18.62 6.54
C TYR A 322 -6.73 18.14 6.91
N PHE A 323 -5.83 19.07 7.23
CA PHE A 323 -4.46 18.72 7.58
C PHE A 323 -4.22 18.84 9.09
N ASP A 324 -3.69 17.78 9.69
CA ASP A 324 -3.41 17.84 11.11
C ASP A 324 -2.06 18.51 11.29
N GLU A 325 -1.59 18.63 12.53
CA GLU A 325 -0.32 19.27 12.77
C GLU A 325 0.81 18.69 11.90
N GLU A 326 0.97 17.38 11.93
CA GLU A 326 1.99 16.70 11.14
C GLU A 326 1.88 16.98 9.65
N MET A 327 0.70 16.74 9.09
CA MET A 327 0.46 16.97 7.67
C MET A 327 0.79 18.41 7.30
N THR A 328 0.37 19.34 8.14
CA THR A 328 0.62 20.75 7.91
C THR A 328 2.12 20.99 7.77
N LYS A 329 2.89 20.46 8.73
CA LYS A 329 4.35 20.61 8.70
C LYS A 329 4.92 19.94 7.46
N GLN A 330 4.45 18.73 7.18
CA GLN A 330 4.91 17.99 6.01
C GLN A 330 4.69 18.80 4.74
N ALA A 331 3.53 19.45 4.66
CA ALA A 331 3.18 20.24 3.48
C ALA A 331 4.08 21.44 3.31
N GLU A 332 4.40 22.10 4.42
CA GLU A 332 5.24 23.29 4.39
C GLU A 332 6.64 22.95 3.89
N LYS A 333 7.18 21.84 4.36
CA LYS A 333 8.51 21.41 3.94
C LYS A 333 8.48 21.16 2.43
N TRP A 334 7.46 20.44 1.98
CA TRP A 334 7.30 20.12 0.57
C TRP A 334 7.21 21.38 -0.27
N ILE A 335 6.41 22.33 0.18
CA ILE A 335 6.29 23.57 -0.58
C ILE A 335 7.58 24.39 -0.55
N LYS A 336 8.23 24.46 0.61
CA LYS A 336 9.46 25.24 0.73
C LYS A 336 10.56 24.65 -0.16
N ASP A 337 10.66 23.33 -0.16
CA ASP A 337 11.66 22.67 -0.98
C ASP A 337 11.44 22.95 -2.46
N ASN A 338 10.20 22.85 -2.92
CA ASN A 338 9.91 23.08 -4.33
C ASN A 338 9.95 24.56 -4.77
N LEU A 339 9.90 25.48 -3.81
CA LEU A 339 9.94 26.89 -4.14
C LEU A 339 11.36 27.44 -3.95
N LYS A 340 12.28 26.54 -3.58
CA LYS A 340 13.67 26.93 -3.37
C LYS A 340 14.34 27.16 -4.73
N ASP A 341 15.03 28.29 -4.84
CA ASP A 341 15.73 28.63 -6.08
C ASP A 341 14.78 28.88 -7.26
N THR A 342 13.67 29.55 -6.99
CA THR A 342 12.70 29.88 -8.03
C THR A 342 11.94 31.10 -7.55
N ASP A 343 11.37 31.87 -8.47
CA ASP A 343 10.62 33.06 -8.07
C ASP A 343 9.12 32.75 -7.95
N LEU A 344 8.76 31.47 -8.05
CA LEU A 344 7.37 31.04 -7.93
C LEU A 344 6.84 31.31 -6.52
N ARG A 345 5.71 32.01 -6.44
CA ARG A 345 5.09 32.33 -5.16
C ARG A 345 3.57 32.34 -5.28
N TYR A 346 2.89 31.79 -4.28
CA TYR A 346 1.43 31.79 -4.29
C TYR A 346 0.91 32.97 -3.49
N PRO A 347 0.03 33.78 -4.09
CA PRO A 347 -0.60 34.97 -3.52
C PRO A 347 -1.13 34.82 -2.08
N ASN A 348 -1.74 33.67 -1.80
CA ASN A 348 -2.32 33.41 -0.49
C ASN A 348 -1.30 33.06 0.60
N MET A 349 -0.23 32.37 0.21
CA MET A 349 0.79 31.97 1.15
C MET A 349 1.53 33.17 1.73
N PRO B 8 5.63 -20.87 40.09
CA PRO B 8 7.01 -20.88 40.64
C PRO B 8 7.96 -21.47 39.61
N PHE B 9 8.61 -20.59 38.85
CA PHE B 9 9.53 -21.02 37.80
C PHE B 9 10.55 -22.04 38.30
N PRO B 10 10.54 -23.25 37.70
CA PRO B 10 11.45 -24.34 38.07
C PRO B 10 12.80 -24.36 37.36
N TYR B 11 12.94 -23.55 36.31
CA TYR B 11 14.19 -23.57 35.56
C TYR B 11 15.17 -22.44 35.86
N GLU B 12 16.43 -22.75 35.64
CA GLU B 12 17.50 -21.78 35.82
C GLU B 12 18.12 -21.69 34.45
N PHE B 13 18.92 -20.67 34.21
CA PHE B 13 19.58 -20.51 32.92
C PHE B 13 21.09 -20.45 33.11
N ARG B 14 21.82 -20.75 32.04
CA ARG B 14 23.28 -20.69 32.10
C ARG B 14 23.81 -19.92 30.90
N GLU B 15 24.89 -19.20 31.12
CA GLU B 15 25.52 -18.44 30.06
C GLU B 15 26.10 -19.46 29.10
N LEU B 16 26.48 -19.02 27.90
CA LEU B 16 27.07 -19.93 26.93
C LEU B 16 28.53 -20.16 27.35
N ASN B 17 29.09 -21.32 27.04
CA ASN B 17 30.48 -21.56 27.38
C ASN B 17 31.28 -20.94 26.25
N PRO B 18 32.50 -20.45 26.54
CA PRO B 18 33.38 -19.81 25.56
C PRO B 18 33.35 -20.44 24.16
N GLU B 19 33.30 -21.77 24.09
CA GLU B 19 33.29 -22.44 22.79
C GLU B 19 32.00 -22.09 22.07
N GLU B 20 30.88 -22.17 22.77
CA GLU B 20 29.57 -21.85 22.21
C GLU B 20 29.48 -20.38 21.83
N ASP B 21 29.90 -19.52 22.75
CA ASP B 21 29.86 -18.07 22.54
C ASP B 21 30.58 -17.70 21.25
N LYS B 22 31.78 -18.25 21.07
CA LYS B 22 32.57 -17.96 19.87
C LYS B 22 31.78 -18.28 18.60
N LEU B 23 31.28 -19.51 18.51
CA LEU B 23 30.53 -19.94 17.33
C LEU B 23 29.30 -19.07 17.08
N VAL B 24 28.59 -18.71 18.14
CA VAL B 24 27.40 -17.87 18.01
C VAL B 24 27.83 -16.47 17.53
N LYS B 25 28.73 -15.85 18.28
CA LYS B 25 29.22 -14.51 17.94
C LYS B 25 29.67 -14.45 16.48
N ALA B 26 30.03 -15.61 15.94
CA ALA B 26 30.49 -15.73 14.56
C ALA B 26 29.41 -15.43 13.54
N ASN B 27 28.17 -15.79 13.86
CA ASN B 27 27.07 -15.56 12.93
C ASN B 27 26.14 -14.44 13.37
N LEU B 28 25.91 -14.31 14.67
CA LEU B 28 24.98 -13.30 15.17
C LEU B 28 25.65 -12.21 16.02
N GLY B 29 26.97 -12.22 16.06
CA GLY B 29 27.70 -11.24 16.85
C GLY B 29 27.31 -9.79 16.64
N ALA B 30 27.03 -9.43 15.39
CA ALA B 30 26.66 -8.05 15.09
C ALA B 30 25.33 -7.68 15.74
N PHE B 31 24.43 -8.65 15.88
CA PHE B 31 23.13 -8.39 16.47
C PHE B 31 23.22 -8.08 17.96
N PRO B 32 22.56 -6.99 18.42
CA PRO B 32 22.57 -6.57 19.82
C PRO B 32 22.06 -7.54 20.90
N THR B 33 20.99 -8.27 20.62
CA THR B 33 20.43 -9.17 21.64
C THR B 33 21.26 -10.44 21.82
N THR B 34 21.52 -10.79 23.07
CA THR B 34 22.31 -11.99 23.34
C THR B 34 21.41 -13.16 23.73
N TYR B 35 22.03 -14.32 23.95
CA TYR B 35 21.32 -15.55 24.32
C TYR B 35 21.79 -16.14 25.66
N VAL B 36 21.00 -17.10 26.15
CA VAL B 36 21.29 -17.87 27.37
C VAL B 36 20.50 -19.15 27.20
N LYS B 37 20.95 -20.23 27.84
CA LYS B 37 20.24 -21.50 27.74
C LYS B 37 19.32 -21.64 28.94
N LEU B 38 18.08 -22.04 28.67
CA LEU B 38 17.09 -22.17 29.73
C LEU B 38 16.64 -23.60 29.99
N GLY B 39 16.73 -24.01 31.25
CA GLY B 39 16.30 -25.35 31.63
C GLY B 39 17.25 -26.48 31.27
N PRO B 40 16.96 -27.69 31.76
CA PRO B 40 17.76 -28.91 31.53
C PRO B 40 17.95 -29.25 30.07
N LYS B 41 17.02 -28.82 29.22
CA LYS B 41 17.16 -29.11 27.79
C LYS B 41 17.99 -28.01 27.14
N GLY B 42 18.26 -26.95 27.91
CA GLY B 42 19.05 -25.84 27.43
C GLY B 42 18.52 -25.08 26.22
N TYR B 43 17.23 -24.79 26.21
CA TYR B 43 16.64 -24.06 25.09
C TYR B 43 17.27 -22.70 24.94
N MET B 44 17.65 -22.36 23.71
CA MET B 44 18.26 -21.08 23.40
C MET B 44 17.21 -19.98 23.38
N VAL B 45 17.32 -19.03 24.30
CA VAL B 45 16.38 -17.90 24.35
C VAL B 45 17.15 -16.61 24.40
N TYR B 46 16.59 -15.57 23.77
CA TYR B 46 17.22 -14.25 23.79
C TYR B 46 17.09 -13.79 25.24
N ARG B 47 18.17 -13.28 25.81
CA ARG B 47 18.19 -12.84 27.21
C ARG B 47 16.95 -12.11 27.72
N PRO B 48 16.41 -11.14 26.95
CA PRO B 48 15.21 -10.42 27.40
C PRO B 48 14.03 -11.33 27.76
N TYR B 49 14.08 -12.59 27.31
CA TYR B 49 13.01 -13.52 27.59
C TYR B 49 12.89 -13.81 29.08
N LEU B 50 14.05 -13.90 29.74
CA LEU B 50 14.09 -14.20 31.16
C LEU B 50 13.18 -13.36 32.02
N LYS B 51 13.00 -12.09 31.65
CA LYS B 51 12.16 -11.16 32.40
C LYS B 51 10.68 -11.50 32.40
N ASP B 52 10.27 -12.40 31.49
CA ASP B 52 8.87 -12.78 31.42
C ASP B 52 8.67 -14.30 31.54
N ALA B 53 9.77 -15.03 31.58
CA ALA B 53 9.70 -16.49 31.67
C ALA B 53 8.73 -17.00 32.75
N ALA B 54 8.85 -16.46 33.95
CA ALA B 54 7.99 -16.87 35.05
C ALA B 54 6.51 -16.59 34.76
N ASN B 55 6.22 -15.41 34.23
CA ASN B 55 4.84 -15.04 33.93
C ASN B 55 4.25 -15.97 32.88
N ILE B 56 5.00 -16.19 31.81
CA ILE B 56 4.56 -17.07 30.74
C ILE B 56 4.29 -18.47 31.28
N TYR B 57 5.16 -18.94 32.18
CA TYR B 57 5.01 -20.26 32.76
C TYR B 57 3.70 -20.40 33.53
N ASN B 58 3.24 -19.30 34.13
CA ASN B 58 2.00 -19.32 34.91
C ASN B 58 0.85 -18.53 34.27
N MET B 59 0.99 -18.18 33.00
CA MET B 59 -0.04 -17.37 32.33
C MET B 59 -1.44 -17.97 32.41
N PRO B 60 -2.43 -17.14 32.76
CA PRO B 60 -3.80 -17.63 32.86
C PRO B 60 -4.33 -18.04 31.48
N LEU B 61 -4.98 -19.18 31.42
CA LEU B 61 -5.52 -19.65 30.15
C LEU B 61 -7.04 -19.71 30.14
N ARG B 62 -7.61 -19.62 28.93
CA ARG B 62 -9.04 -19.65 28.74
C ARG B 62 -9.39 -20.83 27.82
N PRO B 63 -10.53 -21.48 28.07
CA PRO B 63 -11.02 -22.63 27.31
C PRO B 63 -11.23 -22.36 25.81
N THR B 64 -11.37 -21.09 25.45
CA THR B 64 -11.55 -20.74 24.04
C THR B 64 -10.21 -20.41 23.37
N ASP B 65 -9.12 -20.40 24.13
CA ASP B 65 -7.81 -20.10 23.57
C ASP B 65 -7.38 -21.13 22.51
N VAL B 66 -6.83 -20.64 21.40
CA VAL B 66 -6.34 -21.52 20.36
C VAL B 66 -4.89 -21.13 20.02
N PHE B 67 -3.97 -22.07 20.19
CA PHE B 67 -2.55 -21.86 19.94
C PHE B 67 -2.04 -22.47 18.64
N VAL B 68 -1.17 -21.74 17.95
CA VAL B 68 -0.51 -22.26 16.76
C VAL B 68 0.95 -22.15 17.18
N ALA B 69 1.56 -23.29 17.47
CA ALA B 69 2.94 -23.33 17.92
C ALA B 69 3.83 -24.11 16.97
N SER B 70 5.15 -23.91 17.08
CA SER B 70 6.10 -24.61 16.21
C SER B 70 7.54 -24.13 16.40
N TYR B 71 8.48 -24.87 15.83
CA TYR B 71 9.86 -24.40 15.82
C TYR B 71 9.72 -23.51 14.59
N GLN B 72 10.24 -22.30 14.63
CA GLN B 72 10.10 -21.36 13.53
C GLN B 72 10.38 -21.86 12.11
N ARG B 73 9.68 -21.23 11.16
CA ARG B 73 9.79 -21.52 9.74
C ARG B 73 9.32 -22.93 9.38
N SER B 74 8.32 -23.43 10.10
CA SER B 74 7.81 -24.77 9.86
C SER B 74 6.37 -24.85 9.36
N GLY B 75 5.80 -23.71 8.96
CA GLY B 75 4.43 -23.71 8.47
C GLY B 75 3.44 -22.98 9.37
N THR B 76 3.97 -22.19 10.30
CA THR B 76 3.14 -21.43 11.24
C THR B 76 2.16 -20.47 10.58
N THR B 77 2.67 -19.60 9.70
CA THR B 77 1.84 -18.60 9.02
C THR B 77 0.66 -19.22 8.30
N MET B 78 0.92 -20.29 7.54
CA MET B 78 -0.14 -21.00 6.83
C MET B 78 -1.19 -21.50 7.80
N THR B 79 -0.73 -22.13 8.87
CA THR B 79 -1.60 -22.68 9.89
C THR B 79 -2.43 -21.60 10.58
N GLN B 80 -1.81 -20.47 10.89
CA GLN B 80 -2.52 -19.36 11.52
C GLN B 80 -3.71 -18.91 10.66
N GLU B 81 -3.46 -18.72 9.37
CA GLU B 81 -4.51 -18.28 8.46
C GLU B 81 -5.64 -19.28 8.43
N LEU B 82 -5.30 -20.56 8.24
CA LEU B 82 -6.31 -21.62 8.17
C LEU B 82 -7.16 -21.65 9.45
N VAL B 83 -6.48 -21.67 10.58
CA VAL B 83 -7.13 -21.71 11.89
C VAL B 83 -8.07 -20.54 12.14
N TRP B 84 -7.64 -19.35 11.74
CA TRP B 84 -8.46 -18.15 11.93
C TRP B 84 -9.69 -18.15 11.03
N LEU B 85 -9.48 -18.47 9.75
CA LEU B 85 -10.61 -18.51 8.83
C LEU B 85 -11.64 -19.56 9.24
N ILE B 86 -11.17 -20.71 9.73
CA ILE B 86 -12.09 -21.78 10.15
C ILE B 86 -12.88 -21.36 11.39
N GLU B 87 -12.20 -20.75 12.36
CA GLU B 87 -12.86 -20.31 13.58
C GLU B 87 -13.82 -19.16 13.29
N ASN B 88 -13.49 -18.37 12.27
CA ASN B 88 -14.30 -17.23 11.89
C ASN B 88 -15.20 -17.48 10.69
N ASP B 89 -15.78 -18.66 10.68
CA ASP B 89 -16.72 -19.09 9.64
C ASP B 89 -16.34 -18.64 8.23
N LEU B 90 -15.12 -18.96 7.84
CA LEU B 90 -14.61 -18.63 6.52
C LEU B 90 -14.89 -17.21 6.05
N ASN B 91 -14.88 -16.26 6.98
CA ASN B 91 -15.11 -14.85 6.63
C ASN B 91 -13.82 -14.28 6.07
N PHE B 92 -13.58 -14.46 4.78
CA PHE B 92 -12.37 -13.98 4.14
C PHE B 92 -12.22 -12.46 4.16
N GLU B 93 -13.31 -11.75 4.31
CA GLU B 93 -13.25 -10.30 4.33
C GLU B 93 -12.55 -9.86 5.62
N ALA B 94 -12.93 -10.49 6.73
CA ALA B 94 -12.35 -10.17 8.02
C ALA B 94 -10.91 -10.67 8.06
N ALA B 95 -10.60 -11.69 7.27
CA ALA B 95 -9.25 -12.25 7.26
C ALA B 95 -8.24 -11.30 6.63
N LYS B 96 -8.73 -10.22 6.03
CA LYS B 96 -7.87 -9.25 5.38
C LYS B 96 -7.14 -8.33 6.36
N THR B 97 -7.49 -8.38 7.64
CA THR B 97 -6.80 -7.56 8.64
C THR B 97 -5.43 -8.23 8.81
N TYR B 98 -4.39 -7.42 9.06
CA TYR B 98 -3.05 -7.95 9.24
C TYR B 98 -3.02 -9.13 10.20
N MET B 99 -2.25 -10.14 9.82
CA MET B 99 -2.10 -11.35 10.63
C MET B 99 -1.55 -10.98 12.00
N SER B 100 -0.67 -9.99 12.02
CA SER B 100 -0.05 -9.55 13.27
C SER B 100 -1.06 -8.98 14.24
N LEU B 101 -2.21 -8.51 13.74
CA LEU B 101 -3.25 -7.96 14.61
C LEU B 101 -4.26 -9.03 15.01
N ARG B 102 -4.32 -10.09 14.23
CA ARG B 102 -5.26 -11.18 14.52
C ARG B 102 -4.69 -12.15 15.55
N TYR B 103 -3.37 -12.23 15.61
CA TYR B 103 -2.70 -13.11 16.55
C TYR B 103 -1.75 -12.36 17.48
N ILE B 104 -1.56 -12.90 18.67
CA ILE B 104 -0.61 -12.34 19.62
C ILE B 104 0.58 -13.29 19.56
N TYR B 105 1.75 -12.73 19.27
CA TYR B 105 2.98 -13.49 19.17
C TYR B 105 3.55 -13.54 20.58
N LEU B 106 3.26 -14.62 21.28
CA LEU B 106 3.71 -14.80 22.65
C LEU B 106 5.18 -14.51 22.93
N ASP B 107 6.08 -15.08 22.14
CA ASP B 107 7.50 -14.89 22.39
C ASP B 107 8.23 -13.87 21.51
N GLY B 108 7.48 -13.09 20.74
CA GLY B 108 8.10 -12.11 19.86
C GLY B 108 8.94 -11.04 20.54
N PHE B 109 8.50 -10.58 21.71
CA PHE B 109 9.20 -9.53 22.45
C PHE B 109 10.68 -9.80 22.75
N MET B 110 11.00 -11.04 23.09
CA MET B 110 12.37 -11.40 23.48
C MET B 110 13.53 -10.99 22.58
N ILE B 111 13.28 -10.90 21.27
CA ILE B 111 14.36 -10.53 20.38
C ILE B 111 14.82 -9.10 20.58
N TYR B 112 14.06 -8.33 21.34
CA TYR B 112 14.39 -6.93 21.58
C TYR B 112 14.73 -6.60 23.03
N ASP B 113 15.87 -5.94 23.22
CA ASP B 113 16.33 -5.52 24.54
C ASP B 113 16.38 -4.00 24.49
N PRO B 114 15.37 -3.33 25.07
CA PRO B 114 15.27 -1.87 25.10
C PRO B 114 16.54 -1.17 25.60
N GLU B 115 17.30 -1.85 26.45
CA GLU B 115 18.52 -1.29 27.00
C GLU B 115 19.60 -1.15 25.93
N LYS B 116 19.35 -1.72 24.76
CA LYS B 116 20.30 -1.65 23.66
C LYS B 116 19.66 -0.96 22.43
N GLN B 117 18.60 -0.21 22.66
CA GLN B 117 17.87 0.48 21.59
C GLN B 117 18.74 1.21 20.56
N GLU B 118 19.75 1.94 21.01
CA GLU B 118 20.63 2.68 20.10
C GLU B 118 21.41 1.75 19.17
N GLU B 119 21.64 0.52 19.62
CA GLU B 119 22.41 -0.44 18.84
C GLU B 119 21.71 -1.13 17.67
N TYR B 120 20.39 -1.21 17.72
CA TYR B 120 19.65 -1.91 16.68
C TYR B 120 19.65 -1.33 15.28
N ASN B 121 19.64 -0.01 15.13
CA ASN B 121 19.63 0.56 13.79
C ASN B 121 21.01 0.48 13.14
N ASP B 122 22.03 0.15 13.93
CA ASP B 122 23.37 0.03 13.41
C ASP B 122 23.53 -1.19 12.49
N ILE B 123 22.65 -2.17 12.67
CA ILE B 123 22.69 -3.40 11.86
C ILE B 123 22.05 -3.20 10.49
N LEU B 124 21.55 -2.00 10.22
CA LEU B 124 20.91 -1.69 8.94
C LEU B 124 21.86 -1.08 7.91
N PRO B 125 21.63 -1.36 6.62
CA PRO B 125 22.48 -0.82 5.55
C PRO B 125 22.42 0.71 5.55
N ASN B 126 21.20 1.23 5.66
CA ASN B 126 20.97 2.67 5.66
C ASN B 126 19.98 3.12 6.73
N PRO B 127 20.48 3.41 7.95
CA PRO B 127 19.70 3.87 9.11
C PRO B 127 18.91 5.16 8.89
N GLU B 128 19.44 6.05 8.06
CA GLU B 128 18.79 7.33 7.80
C GLU B 128 17.63 7.20 6.82
N ASN B 129 17.35 5.98 6.37
CA ASN B 129 16.26 5.74 5.44
C ASN B 129 15.09 5.09 6.20
N LEU B 130 15.22 5.01 7.52
CA LEU B 130 14.19 4.43 8.36
C LEU B 130 12.98 5.33 8.57
N ASP B 131 11.78 4.75 8.49
CA ASP B 131 10.57 5.52 8.75
C ASP B 131 10.51 5.49 10.27
N MET B 132 11.12 6.50 10.89
CA MET B 132 11.19 6.56 12.35
C MET B 132 9.90 6.45 13.15
N GLU B 133 8.82 7.02 12.66
CA GLU B 133 7.56 6.95 13.41
C GLU B 133 7.14 5.49 13.52
N ARG B 134 7.14 4.79 12.40
CA ARG B 134 6.74 3.37 12.41
C ARG B 134 7.79 2.52 13.11
N TYR B 135 9.06 2.82 12.86
CA TYR B 135 10.15 2.07 13.47
C TYR B 135 10.09 2.04 14.99
N LEU B 136 9.92 3.21 15.59
CA LEU B 136 9.86 3.34 17.04
C LEU B 136 8.59 2.71 17.59
N GLY B 137 7.52 2.79 16.81
CA GLY B 137 6.26 2.23 17.24
C GLY B 137 6.42 0.74 17.37
N LEU B 138 7.25 0.17 16.49
CA LEU B 138 7.52 -1.25 16.48
C LEU B 138 8.35 -1.63 17.71
N LEU B 139 9.38 -0.83 17.98
CA LEU B 139 10.24 -1.07 19.15
C LEU B 139 9.40 -1.03 20.42
N GLU B 140 8.45 -0.11 20.48
CA GLU B 140 7.61 0.02 21.67
C GLU B 140 6.70 -1.18 21.88
N TYR B 141 6.24 -1.80 20.80
CA TYR B 141 5.37 -2.97 20.96
C TYR B 141 6.22 -4.13 21.44
N SER B 142 7.37 -4.33 20.80
CA SER B 142 8.27 -5.41 21.16
C SER B 142 8.73 -5.30 22.60
N SER B 143 8.58 -4.11 23.20
CA SER B 143 8.99 -3.89 24.58
C SER B 143 8.02 -4.54 25.56
N ARG B 144 6.80 -4.78 25.10
CA ARG B 144 5.77 -5.38 25.95
C ARG B 144 5.93 -6.89 26.08
N PRO B 145 5.97 -7.41 27.32
CA PRO B 145 6.11 -8.86 27.56
C PRO B 145 4.93 -9.58 26.92
N GLY B 146 5.20 -10.71 26.28
CA GLY B 146 4.12 -11.45 25.63
C GLY B 146 2.97 -11.78 26.56
N SER B 147 3.29 -12.13 27.80
CA SER B 147 2.25 -12.47 28.77
C SER B 147 1.27 -11.33 29.00
N SER B 148 1.74 -10.08 28.98
CA SER B 148 0.86 -8.95 29.20
C SER B 148 -0.06 -8.68 28.00
N LEU B 149 0.45 -8.97 26.80
CA LEU B 149 -0.34 -8.78 25.58
C LEU B 149 -1.59 -9.66 25.66
N LEU B 150 -1.38 -10.92 26.07
CA LEU B 150 -2.45 -11.91 26.18
C LEU B 150 -3.49 -11.56 27.23
N ALA B 151 -3.04 -11.32 28.46
CA ALA B 151 -3.95 -11.01 29.54
C ALA B 151 -4.75 -9.74 29.21
N ALA B 152 -4.23 -8.97 28.27
CA ALA B 152 -4.88 -7.73 27.85
C ALA B 152 -6.16 -7.98 27.05
N VAL B 153 -6.17 -9.05 26.26
CA VAL B 153 -7.33 -9.39 25.43
C VAL B 153 -8.58 -9.64 26.27
N PRO B 154 -9.66 -8.90 25.98
CA PRO B 154 -10.92 -9.07 26.71
C PRO B 154 -11.48 -10.49 26.59
N PRO B 155 -12.11 -10.97 27.67
CA PRO B 155 -12.73 -12.29 27.81
C PRO B 155 -13.68 -12.70 26.67
N THR B 156 -14.47 -11.75 26.19
CA THR B 156 -15.43 -12.04 25.12
C THR B 156 -14.80 -12.09 23.73
N GLU B 157 -13.48 -11.94 23.67
CA GLU B 157 -12.76 -12.01 22.41
C GLU B 157 -11.89 -13.27 22.46
N LYS B 158 -12.07 -14.16 21.49
CA LYS B 158 -11.28 -15.39 21.45
C LYS B 158 -9.80 -15.04 21.25
N ARG B 159 -8.93 -15.71 22.00
CA ARG B 159 -7.50 -15.45 21.90
C ARG B 159 -6.78 -16.39 20.94
N PHE B 160 -6.19 -15.83 19.90
CA PHE B 160 -5.42 -16.59 18.93
C PHE B 160 -3.96 -16.33 19.27
N VAL B 161 -3.26 -17.37 19.71
CA VAL B 161 -1.86 -17.24 20.11
C VAL B 161 -0.85 -17.90 19.17
N LYS B 162 0.19 -17.16 18.81
CA LYS B 162 1.24 -17.70 17.97
C LYS B 162 2.48 -17.84 18.86
N THR B 163 3.18 -18.95 18.77
CA THR B 163 4.37 -19.07 19.61
C THR B 163 5.36 -20.05 19.08
N HIS B 164 6.63 -19.80 19.39
CA HIS B 164 7.67 -20.72 18.99
C HIS B 164 8.27 -21.30 20.26
N LEU B 165 7.58 -21.08 21.37
CA LEU B 165 8.04 -21.62 22.65
C LEU B 165 7.68 -23.10 22.77
N PRO B 166 8.61 -23.92 23.25
CA PRO B 166 8.31 -25.34 23.42
C PRO B 166 7.32 -25.46 24.58
N LEU B 167 6.63 -26.59 24.67
CA LEU B 167 5.64 -26.78 25.71
C LEU B 167 6.17 -26.65 27.14
N SER B 168 7.36 -27.16 27.40
CA SER B 168 7.92 -27.12 28.75
C SER B 168 8.18 -25.75 29.33
N LEU B 169 7.99 -24.69 28.54
CA LEU B 169 8.22 -23.33 29.05
C LEU B 169 6.90 -22.60 29.26
N MET B 170 5.81 -23.24 28.87
CA MET B 170 4.48 -22.69 29.03
C MET B 170 3.79 -23.46 30.15
N PRO B 171 2.62 -23.01 30.61
CA PRO B 171 1.94 -23.72 31.70
C PRO B 171 1.81 -25.22 31.55
N PRO B 172 2.25 -25.98 32.56
CA PRO B 172 2.10 -27.42 32.40
C PRO B 172 0.60 -27.74 32.42
N ASN B 173 0.21 -28.74 31.65
CA ASN B 173 -1.20 -29.13 31.56
C ASN B 173 -2.03 -28.06 30.84
N MET B 174 -1.37 -27.15 30.13
CA MET B 174 -2.08 -26.10 29.40
C MET B 174 -3.08 -26.73 28.42
N LEU B 175 -2.78 -27.95 27.95
CA LEU B 175 -3.66 -28.64 27.01
C LEU B 175 -4.96 -29.13 27.66
N ASP B 176 -5.06 -29.03 28.99
CA ASP B 176 -6.30 -29.44 29.64
C ASP B 176 -7.30 -28.30 29.45
N THR B 177 -6.79 -27.13 29.06
CA THR B 177 -7.65 -25.96 28.89
C THR B 177 -7.73 -25.40 27.48
N VAL B 178 -6.59 -25.37 26.80
CA VAL B 178 -6.55 -24.80 25.45
C VAL B 178 -6.20 -25.81 24.36
N LYS B 179 -6.55 -25.46 23.13
CA LYS B 179 -6.26 -26.29 21.97
C LYS B 179 -5.00 -25.77 21.30
N MET B 180 -4.20 -26.68 20.76
CA MET B 180 -2.97 -26.28 20.10
C MET B 180 -2.73 -27.05 18.81
N VAL B 181 -2.33 -26.34 17.76
CA VAL B 181 -1.98 -26.97 16.50
C VAL B 181 -0.46 -26.75 16.43
N TYR B 182 0.32 -27.82 16.48
CA TYR B 182 1.78 -27.74 16.42
C TYR B 182 2.28 -28.23 15.07
N LEU B 183 3.17 -27.44 14.46
CA LEU B 183 3.74 -27.78 13.17
C LEU B 183 5.19 -28.20 13.27
N ALA B 184 5.54 -29.25 12.53
CA ALA B 184 6.89 -29.75 12.49
C ALA B 184 7.29 -29.82 11.02
N ARG B 185 8.58 -29.74 10.75
CA ARG B 185 9.07 -29.76 9.38
C ARG B 185 10.50 -30.28 9.34
N ASP B 186 10.86 -30.93 8.24
CA ASP B 186 12.23 -31.45 8.07
C ASP B 186 13.23 -30.41 8.59
N PRO B 187 14.06 -30.79 9.57
CA PRO B 187 15.08 -29.92 10.19
C PRO B 187 15.98 -29.21 9.18
N ARG B 188 16.32 -29.91 8.10
CA ARG B 188 17.20 -29.38 7.07
C ARG B 188 16.58 -28.21 6.33
N ASP B 189 15.30 -28.33 5.98
CA ASP B 189 14.63 -27.25 5.28
C ASP B 189 14.35 -26.11 6.25
N VAL B 190 14.14 -26.45 7.53
CA VAL B 190 13.91 -25.44 8.52
C VAL B 190 15.18 -24.58 8.61
N ALA B 191 16.34 -25.25 8.58
CA ALA B 191 17.62 -24.54 8.66
C ALA B 191 17.77 -23.54 7.52
N VAL B 192 17.53 -23.99 6.29
CA VAL B 192 17.64 -23.11 5.15
C VAL B 192 16.68 -21.92 5.32
N SER B 193 15.43 -22.22 5.68
CA SER B 193 14.44 -21.16 5.87
C SER B 193 14.81 -20.19 6.99
N SER B 194 15.32 -20.72 8.10
CA SER B 194 15.71 -19.86 9.22
C SER B 194 16.91 -19.00 8.86
N PHE B 195 17.78 -19.52 8.00
CA PHE B 195 18.95 -18.79 7.56
C PHE B 195 18.48 -17.55 6.77
N HIS B 196 17.58 -17.74 5.81
CA HIS B 196 17.06 -16.63 5.01
C HIS B 196 16.26 -15.65 5.87
N HIS B 197 15.51 -16.18 6.82
CA HIS B 197 14.70 -15.34 7.71
C HIS B 197 15.60 -14.45 8.55
N ALA B 198 16.73 -15.00 9.00
CA ALA B 198 17.67 -14.24 9.80
C ALA B 198 18.26 -13.17 8.88
N ARG B 199 18.46 -13.53 7.62
CA ARG B 199 18.97 -12.59 6.64
C ARG B 199 17.95 -11.48 6.44
N LEU B 200 16.66 -11.86 6.33
CA LEU B 200 15.59 -10.89 6.14
C LEU B 200 15.54 -9.83 7.24
N LEU B 201 15.85 -10.21 8.47
CA LEU B 201 15.81 -9.27 9.59
C LEU B 201 17.17 -8.77 10.06
N TYR B 202 18.21 -8.96 9.25
CA TYR B 202 19.56 -8.51 9.58
C TYR B 202 20.14 -9.09 10.87
N LEU B 203 19.76 -10.32 11.18
CA LEU B 203 20.23 -10.97 12.40
C LEU B 203 21.61 -11.60 12.24
N LEU B 204 21.91 -12.04 11.01
CA LEU B 204 23.19 -12.69 10.73
C LEU B 204 24.30 -11.74 10.33
N ASN B 205 25.54 -12.13 10.61
CA ASN B 205 26.68 -11.31 10.22
C ASN B 205 26.73 -11.38 8.71
N LYS B 206 26.79 -10.22 8.07
CA LYS B 206 26.82 -10.14 6.61
C LYS B 206 27.77 -11.14 5.97
N GLN B 207 28.92 -11.37 6.59
CA GLN B 207 29.92 -12.28 6.03
C GLN B 207 29.77 -13.76 6.43
N SER B 208 28.69 -14.11 7.10
CA SER B 208 28.47 -15.51 7.49
C SER B 208 27.70 -16.21 6.38
N ASN B 209 27.91 -17.52 6.23
CA ASN B 209 27.22 -18.30 5.21
C ASN B 209 26.27 -19.31 5.85
N PHE B 210 25.54 -20.06 5.01
CA PHE B 210 24.60 -21.03 5.54
C PHE B 210 25.29 -22.09 6.38
N LYS B 211 26.41 -22.59 5.88
CA LYS B 211 27.18 -23.59 6.60
C LYS B 211 27.43 -23.17 8.06
N ASP B 212 27.75 -21.89 8.26
CA ASP B 212 27.98 -21.38 9.62
C ASP B 212 26.67 -21.47 10.40
N PHE B 213 25.59 -21.01 9.77
CA PHE B 213 24.28 -21.04 10.40
C PHE B 213 23.93 -22.47 10.79
N TRP B 214 24.15 -23.39 9.87
CA TRP B 214 23.87 -24.81 10.11
C TRP B 214 24.65 -25.33 11.32
N GLU B 215 25.94 -25.00 11.38
CA GLU B 215 26.78 -25.44 12.48
C GLU B 215 26.10 -25.04 13.78
N MET B 216 25.68 -23.79 13.83
CA MET B 216 25.02 -23.25 14.99
C MET B 216 23.68 -23.95 15.23
N PHE B 217 22.86 -24.01 14.18
CA PHE B 217 21.54 -24.61 14.25
C PHE B 217 21.47 -26.04 14.79
N HIS B 218 22.10 -26.99 14.10
CA HIS B 218 22.04 -28.38 14.55
C HIS B 218 22.82 -28.66 15.83
N ARG B 219 23.60 -27.69 16.28
CA ARG B 219 24.36 -27.85 17.51
C ARG B 219 23.58 -27.26 18.66
N GLY B 220 22.30 -26.99 18.41
CA GLY B 220 21.45 -26.40 19.42
C GLY B 220 21.87 -25.02 19.86
N LEU B 221 22.43 -24.23 18.94
CA LEU B 221 22.86 -22.89 19.30
C LEU B 221 22.08 -21.74 18.66
N TYR B 222 20.95 -22.05 18.04
CA TYR B 222 20.14 -20.99 17.47
C TYR B 222 18.86 -20.89 18.27
N THR B 223 18.13 -19.80 18.04
CA THR B 223 16.91 -19.52 18.76
C THR B 223 15.95 -20.69 18.92
N LEU B 224 15.61 -20.98 20.18
CA LEU B 224 14.69 -22.04 20.55
C LEU B 224 15.09 -23.47 20.23
N THR B 225 16.34 -23.70 19.86
CA THR B 225 16.79 -25.07 19.63
C THR B 225 17.19 -25.43 21.07
N PRO B 226 17.58 -26.69 21.35
CA PRO B 226 17.72 -27.88 20.50
C PRO B 226 16.44 -28.18 19.72
N TYR B 227 16.57 -28.26 18.40
CA TYR B 227 15.43 -28.52 17.54
C TYR B 227 14.62 -29.74 17.96
N PHE B 228 15.26 -30.91 17.97
CA PHE B 228 14.54 -32.14 18.32
C PHE B 228 13.84 -32.20 19.68
N GLU B 229 14.39 -31.53 20.68
CA GLU B 229 13.75 -31.51 22.00
C GLU B 229 12.40 -30.78 21.85
N HIS B 230 12.42 -29.73 21.05
CA HIS B 230 11.26 -28.90 20.78
C HIS B 230 10.16 -29.75 20.19
N VAL B 231 10.45 -30.42 19.08
CA VAL B 231 9.48 -31.27 18.41
C VAL B 231 8.99 -32.42 19.28
N LYS B 232 9.93 -33.14 19.89
CA LYS B 232 9.59 -34.28 20.73
C LYS B 232 8.59 -33.98 21.85
N GLU B 233 8.66 -32.79 22.44
CA GLU B 233 7.74 -32.45 23.51
C GLU B 233 6.29 -32.44 23.01
N ALA B 234 6.08 -31.87 21.83
CA ALA B 234 4.74 -31.80 21.26
C ALA B 234 4.32 -33.16 20.77
N TRP B 235 5.28 -33.86 20.16
CA TRP B 235 5.06 -35.21 19.64
C TRP B 235 4.50 -36.13 20.73
N ALA B 236 5.03 -36.01 21.95
CA ALA B 236 4.58 -36.81 23.08
C ALA B 236 3.11 -36.54 23.42
N LYS B 237 2.62 -35.37 23.03
CA LYS B 237 1.24 -34.99 23.31
C LYS B 237 0.31 -35.15 22.10
N ARG B 238 0.81 -35.75 21.02
CA ARG B 238 0.01 -35.88 19.80
C ARG B 238 -1.31 -36.61 19.89
N HIS B 239 -1.48 -37.46 20.90
CA HIS B 239 -2.73 -38.20 21.05
C HIS B 239 -3.73 -37.47 21.94
N ASP B 240 -3.29 -36.37 22.53
CA ASP B 240 -4.15 -35.59 23.40
C ASP B 240 -5.25 -34.96 22.55
N PRO B 241 -6.47 -34.90 23.07
CA PRO B 241 -7.60 -34.32 22.33
C PRO B 241 -7.37 -32.87 21.91
N ASN B 242 -6.59 -32.15 22.71
CA ASN B 242 -6.32 -30.75 22.45
C ASN B 242 -5.02 -30.43 21.72
N MET B 243 -4.41 -31.42 21.09
CA MET B 243 -3.17 -31.21 20.33
C MET B 243 -3.30 -31.81 18.93
N LEU B 244 -2.99 -31.01 17.93
CA LEU B 244 -3.01 -31.49 16.55
C LEU B 244 -1.59 -31.30 15.99
N PHE B 245 -0.82 -32.37 16.01
CA PHE B 245 0.55 -32.35 15.53
C PHE B 245 0.46 -32.54 14.01
N LEU B 246 1.01 -31.59 13.26
CA LEU B 246 1.00 -31.65 11.80
C LEU B 246 2.40 -31.49 11.20
N PHE B 247 2.58 -32.01 9.99
CA PHE B 247 3.85 -31.95 9.28
C PHE B 247 3.73 -31.05 8.07
N TYR B 248 4.63 -30.07 7.99
CA TYR B 248 4.64 -29.12 6.87
C TYR B 248 4.59 -29.85 5.53
N GLU B 249 5.38 -30.90 5.37
CA GLU B 249 5.39 -31.64 4.11
C GLU B 249 4.00 -32.11 3.70
N ASP B 250 3.20 -32.53 4.69
CA ASP B 250 1.84 -32.99 4.42
C ASP B 250 0.99 -31.88 3.81
N TYR B 251 1.23 -30.64 4.24
CA TYR B 251 0.50 -29.48 3.70
C TYR B 251 0.67 -29.41 2.19
N LEU B 252 1.90 -29.64 1.73
CA LEU B 252 2.19 -29.57 0.30
C LEU B 252 1.71 -30.82 -0.41
N LYS B 253 1.62 -31.91 0.35
CA LYS B 253 1.19 -33.18 -0.19
C LYS B 253 -0.32 -33.27 -0.35
N ASP B 254 -1.06 -33.03 0.72
CA ASP B 254 -2.51 -33.12 0.70
C ASP B 254 -3.12 -32.00 1.53
N LEU B 255 -2.98 -30.77 1.08
CA LEU B 255 -3.52 -29.64 1.83
C LEU B 255 -5.00 -29.86 2.14
N PRO B 256 -5.80 -30.27 1.13
CA PRO B 256 -7.22 -30.49 1.40
C PRO B 256 -7.39 -31.38 2.62
N GLY B 257 -6.59 -32.44 2.68
CA GLY B 257 -6.64 -33.37 3.80
C GLY B 257 -6.33 -32.67 5.12
N CYS B 258 -5.23 -31.94 5.16
CA CYS B 258 -4.85 -31.22 6.38
C CYS B 258 -5.92 -30.26 6.84
N ILE B 259 -6.51 -29.54 5.89
CA ILE B 259 -7.55 -28.59 6.23
C ILE B 259 -8.74 -29.25 6.95
N ALA B 260 -9.12 -30.44 6.48
CA ALA B 260 -10.24 -31.16 7.07
C ALA B 260 -9.91 -31.57 8.50
N ARG B 261 -8.68 -32.03 8.72
CA ARG B 261 -8.25 -32.43 10.05
C ARG B 261 -8.29 -31.23 10.98
N ILE B 262 -7.76 -30.10 10.50
CA ILE B 262 -7.74 -28.88 11.32
C ILE B 262 -9.16 -28.43 11.70
N ALA B 263 -10.05 -28.38 10.71
CA ALA B 263 -11.43 -27.96 10.94
C ALA B 263 -12.12 -28.87 11.93
N ASP B 264 -11.86 -30.17 11.82
CA ASP B 264 -12.46 -31.17 12.71
C ASP B 264 -11.92 -31.00 14.12
N PHE B 265 -10.61 -30.82 14.19
CA PHE B 265 -9.92 -30.63 15.46
C PHE B 265 -10.56 -29.48 16.22
N LEU B 266 -10.95 -28.44 15.50
CA LEU B 266 -11.54 -27.26 16.09
C LEU B 266 -13.06 -27.36 16.27
N GLY B 267 -13.60 -28.53 15.99
CA GLY B 267 -15.04 -28.74 16.13
C GLY B 267 -15.86 -28.22 14.97
N LYS B 268 -15.22 -27.95 13.85
CA LYS B 268 -15.89 -27.44 12.66
C LYS B 268 -15.92 -28.53 11.60
N LYS B 269 -17.06 -28.71 10.95
CA LYS B 269 -17.18 -29.72 9.92
C LYS B 269 -17.35 -28.97 8.62
N LEU B 270 -16.34 -29.02 7.75
CA LEU B 270 -16.41 -28.32 6.48
C LEU B 270 -16.84 -29.21 5.33
N SER B 271 -17.50 -28.59 4.36
CA SER B 271 -17.94 -29.30 3.17
C SER B 271 -16.72 -29.32 2.25
N GLU B 272 -16.67 -30.27 1.33
CA GLU B 272 -15.55 -30.34 0.40
C GLU B 272 -15.38 -29.02 -0.34
N GLU B 273 -16.49 -28.34 -0.62
CA GLU B 273 -16.43 -27.07 -1.32
C GLU B 273 -15.64 -26.07 -0.47
N GLN B 274 -16.03 -25.95 0.80
CA GLN B 274 -15.36 -25.02 1.70
C GLN B 274 -13.87 -25.33 1.79
N ILE B 275 -13.53 -26.61 1.90
CA ILE B 275 -12.13 -27.03 1.99
C ILE B 275 -11.33 -26.58 0.78
N GLN B 276 -11.92 -26.67 -0.42
CA GLN B 276 -11.20 -26.28 -1.62
C GLN B 276 -11.07 -24.77 -1.73
N ARG B 277 -11.98 -24.04 -1.10
CA ARG B 277 -11.91 -22.59 -1.12
C ARG B 277 -10.73 -22.19 -0.24
N LEU B 278 -10.59 -22.89 0.88
CA LEU B 278 -9.50 -22.64 1.81
C LEU B 278 -8.19 -23.09 1.17
N CYS B 279 -8.24 -24.21 0.45
CA CYS B 279 -7.07 -24.73 -0.22
C CYS B 279 -6.54 -23.67 -1.17
N GLU B 280 -7.39 -23.19 -2.07
CA GLU B 280 -6.96 -22.17 -3.02
C GLU B 280 -6.48 -20.89 -2.35
N HIS B 281 -7.10 -20.52 -1.23
CA HIS B 281 -6.73 -19.31 -0.52
C HIS B 281 -5.27 -19.40 -0.09
N LEU B 282 -4.79 -20.62 0.12
CA LEU B 282 -3.42 -20.83 0.55
C LEU B 282 -2.44 -21.14 -0.58
N ASN B 283 -2.84 -20.89 -1.83
CA ASN B 283 -1.94 -21.12 -2.96
C ASN B 283 -0.70 -20.30 -2.66
N PHE B 284 0.47 -20.92 -2.79
CA PHE B 284 1.71 -20.22 -2.48
C PHE B 284 1.87 -18.83 -3.09
N GLU B 285 1.72 -18.72 -4.40
CA GLU B 285 1.89 -17.41 -5.03
C GLU B 285 0.83 -16.41 -4.58
N LYS B 286 -0.39 -16.87 -4.36
CA LYS B 286 -1.43 -15.96 -3.91
C LYS B 286 -1.10 -15.51 -2.49
N PHE B 287 -0.78 -16.48 -1.64
CA PHE B 287 -0.45 -16.20 -0.24
C PHE B 287 0.74 -15.24 -0.15
N LYS B 288 1.76 -15.48 -0.96
CA LYS B 288 2.96 -14.65 -0.97
C LYS B 288 2.63 -13.19 -1.26
N ASN B 289 1.64 -12.96 -2.13
CA ASN B 289 1.25 -11.61 -2.49
C ASN B 289 0.09 -11.06 -1.68
N ASN B 290 -0.28 -11.78 -0.62
CA ASN B 290 -1.36 -11.33 0.26
C ASN B 290 -0.74 -10.44 1.35
N GLY B 291 -1.04 -9.15 1.29
CA GLY B 291 -0.50 -8.20 2.25
C GLY B 291 -0.83 -8.43 3.72
N ALA B 292 -1.92 -9.15 3.98
CA ALA B 292 -2.30 -9.41 5.37
C ALA B 292 -1.38 -10.42 6.05
N VAL B 293 -0.64 -11.21 5.28
CA VAL B 293 0.23 -12.21 5.88
C VAL B 293 1.70 -12.16 5.44
N ASN B 294 2.00 -11.49 4.33
CA ASN B 294 3.38 -11.50 3.87
C ASN B 294 4.37 -10.59 4.57
N MET B 295 3.90 -9.80 5.54
CA MET B 295 4.77 -8.91 6.32
C MET B 295 5.45 -7.83 5.48
N GLU B 296 5.11 -7.74 4.20
CA GLU B 296 5.72 -6.74 3.36
C GLU B 296 5.36 -5.32 3.81
N ASP B 297 4.44 -5.22 4.75
CA ASP B 297 4.04 -3.91 5.27
C ASP B 297 5.19 -3.32 6.09
N TYR B 298 6.23 -4.12 6.31
CA TYR B 298 7.40 -3.67 7.06
C TYR B 298 8.55 -3.18 6.18
N ARG B 299 8.45 -3.36 4.87
CA ARG B 299 9.55 -2.93 4.03
C ARG B 299 9.63 -1.43 3.91
N GLU B 300 8.50 -0.75 4.08
CA GLU B 300 8.50 0.72 4.00
C GLU B 300 9.21 1.29 5.21
N ILE B 301 9.13 0.58 6.34
CA ILE B 301 9.81 1.04 7.55
C ILE B 301 11.32 1.01 7.34
N GLY B 302 11.80 -0.01 6.65
CA GLY B 302 13.22 -0.10 6.38
C GLY B 302 13.96 -1.16 7.18
N ILE B 303 13.27 -2.14 7.74
CA ILE B 303 13.92 -3.16 8.54
C ILE B 303 14.03 -4.49 7.83
N LEU B 304 13.64 -4.54 6.56
CA LEU B 304 13.72 -5.79 5.81
C LEU B 304 14.83 -5.72 4.79
N ALA B 305 15.66 -6.76 4.76
CA ALA B 305 16.78 -6.83 3.83
C ALA B 305 16.27 -7.05 2.40
N ASP B 306 16.98 -6.46 1.42
CA ASP B 306 16.58 -6.63 0.03
C ASP B 306 16.87 -8.07 -0.34
N GLY B 307 16.13 -8.61 -1.29
CA GLY B 307 16.35 -9.98 -1.71
C GLY B 307 15.91 -11.04 -0.72
N GLU B 308 15.09 -10.66 0.26
CA GLU B 308 14.59 -11.60 1.24
C GLU B 308 13.10 -11.32 1.44
N HIS B 309 12.33 -12.38 1.68
CA HIS B 309 10.88 -12.29 1.87
C HIS B 309 10.38 -13.25 2.95
N PHE B 310 9.40 -12.82 3.73
CA PHE B 310 8.84 -13.66 4.78
C PHE B 310 8.26 -14.94 4.15
N ILE B 311 7.50 -14.79 3.06
CA ILE B 311 6.96 -15.94 2.35
C ILE B 311 7.89 -16.06 1.13
N ARG B 312 8.79 -17.03 1.23
CA ARG B 312 9.87 -17.27 0.28
C ARG B 312 9.69 -18.20 -0.92
N LYS B 313 9.92 -19.50 -0.73
CA LYS B 313 9.83 -20.48 -1.82
C LYS B 313 8.61 -21.42 -1.70
N GLY B 314 8.41 -21.98 -0.51
CA GLY B 314 7.27 -22.87 -0.30
C GLY B 314 7.42 -24.31 -0.80
N LYS B 315 8.64 -24.82 -0.81
CA LYS B 315 8.87 -26.19 -1.26
C LYS B 315 9.51 -27.05 -0.19
N ALA B 316 9.56 -28.36 -0.42
CA ALA B 316 10.19 -29.27 0.52
C ALA B 316 11.30 -29.97 -0.25
N GLY B 317 12.41 -30.24 0.42
CA GLY B 317 13.52 -30.90 -0.24
C GLY B 317 14.54 -29.97 -0.89
N CYS B 318 14.32 -28.67 -0.78
CA CYS B 318 15.24 -27.70 -1.38
C CYS B 318 16.56 -27.63 -0.62
N TRP B 319 16.61 -28.25 0.54
CA TRP B 319 17.82 -28.22 1.35
C TRP B 319 19.03 -28.86 0.65
N ARG B 320 18.78 -29.75 -0.30
CA ARG B 320 19.90 -30.39 -1.00
C ARG B 320 20.67 -29.38 -1.86
N ASP B 321 20.10 -28.19 -2.05
CA ASP B 321 20.79 -27.16 -2.83
C ASP B 321 21.77 -26.40 -1.94
N TYR B 322 21.61 -26.55 -0.63
CA TYR B 322 22.44 -25.86 0.35
C TYR B 322 23.41 -26.71 1.16
N PHE B 323 23.24 -28.03 1.14
CA PHE B 323 24.10 -28.91 1.90
C PHE B 323 25.14 -29.62 1.03
N ASP B 324 26.43 -29.39 1.29
CA ASP B 324 27.46 -30.04 0.52
C ASP B 324 27.46 -31.49 0.99
N GLU B 325 28.29 -32.33 0.38
CA GLU B 325 28.33 -33.74 0.75
C GLU B 325 28.60 -33.95 2.25
N GLU B 326 29.55 -33.21 2.80
CA GLU B 326 29.89 -33.33 4.21
C GLU B 326 28.68 -33.00 5.10
N MET B 327 28.09 -31.82 4.87
CA MET B 327 26.94 -31.36 5.65
C MET B 327 25.82 -32.38 5.65
N THR B 328 25.53 -32.94 4.48
CA THR B 328 24.48 -33.94 4.33
C THR B 328 24.70 -35.07 5.34
N LYS B 329 25.84 -35.74 5.22
CA LYS B 329 26.17 -36.85 6.11
C LYS B 329 26.02 -36.41 7.56
N GLN B 330 26.51 -35.21 7.84
CA GLN B 330 26.45 -34.64 9.18
C GLN B 330 24.98 -34.52 9.61
N ALA B 331 24.13 -34.09 8.69
CA ALA B 331 22.71 -33.95 8.98
C ALA B 331 22.07 -35.33 9.14
N GLU B 332 22.44 -36.25 8.26
CA GLU B 332 21.88 -37.60 8.30
C GLU B 332 22.15 -38.25 9.65
N LYS B 333 23.37 -38.11 10.16
CA LYS B 333 23.74 -38.70 11.45
C LYS B 333 22.98 -38.03 12.59
N TRP B 334 22.89 -36.70 12.53
CA TRP B 334 22.18 -35.92 13.53
C TRP B 334 20.72 -36.36 13.61
N ILE B 335 20.05 -36.42 12.46
CA ILE B 335 18.65 -36.82 12.44
C ILE B 335 18.47 -38.23 13.00
N LYS B 336 19.33 -39.17 12.59
CA LYS B 336 19.21 -40.54 13.08
C LYS B 336 19.48 -40.72 14.57
N ASP B 337 20.42 -39.96 15.12
CA ASP B 337 20.73 -40.07 16.54
C ASP B 337 19.54 -39.58 17.37
N ASN B 338 18.84 -38.57 16.87
CA ASN B 338 17.69 -38.01 17.59
C ASN B 338 16.37 -38.75 17.35
N LEU B 339 16.34 -39.66 16.38
CA LEU B 339 15.11 -40.40 16.10
C LEU B 339 15.23 -41.82 16.64
N LYS B 340 16.43 -42.18 17.07
CA LYS B 340 16.71 -43.49 17.63
C LYS B 340 15.95 -43.59 18.95
N ASP B 341 15.37 -44.74 19.22
CA ASP B 341 14.63 -44.96 20.45
C ASP B 341 13.34 -44.14 20.54
N THR B 342 12.90 -43.58 19.43
CA THR B 342 11.66 -42.81 19.41
C THR B 342 10.86 -43.18 18.16
N ASP B 343 9.55 -42.98 18.20
CA ASP B 343 8.70 -43.31 17.06
C ASP B 343 8.43 -42.09 16.18
N LEU B 344 9.08 -40.98 16.53
CA LEU B 344 8.95 -39.76 15.76
C LEU B 344 9.54 -40.02 14.38
N ARG B 345 8.74 -39.88 13.34
CA ARG B 345 9.19 -40.09 11.98
C ARG B 345 8.62 -39.02 11.07
N TYR B 346 9.45 -38.45 10.20
CA TYR B 346 9.00 -37.40 9.27
C TYR B 346 8.51 -38.03 7.96
N PRO B 347 7.35 -37.57 7.47
CA PRO B 347 6.72 -38.05 6.25
C PRO B 347 7.69 -38.29 5.08
N ASN B 348 8.35 -37.23 4.65
CA ASN B 348 9.29 -37.28 3.53
C ASN B 348 10.53 -38.14 3.80
N MET B 349 10.93 -38.24 5.07
CA MET B 349 12.12 -39.03 5.40
C MET B 349 11.88 -40.53 5.29
HG HG C . -7.75 39.48 -10.10
HG HG C . -5.98 38.25 -11.55
HG HG D . -19.55 40.09 -8.92
HG HG E . -13.13 26.56 5.21
CA CA F . -19.26 -5.65 -14.98
P1 A3P G . -13.34 23.20 -4.33
O1P A3P G . -13.30 21.73 -4.39
O2P A3P G . -14.70 23.70 -4.02
O3P A3P G . -12.39 23.69 -3.32
P2 A3P G . -11.57 22.76 -11.69
O4P A3P G . -12.63 23.42 -12.48
O5P A3P G . -10.24 23.06 -12.25
O6P A3P G . -11.82 21.30 -11.66
O5' A3P G . -11.62 23.32 -10.21
C5' A3P G . -12.76 23.16 -9.39
C4' A3P G . -12.65 24.02 -8.13
O4' A3P G . -13.14 25.36 -8.45
C3' A3P G . -13.55 23.52 -6.99
O3' A3P G . -12.89 23.79 -5.74
C2' A3P G . -14.83 24.29 -7.27
O2' A3P G . -15.84 24.29 -6.27
C1' A3P G . -14.25 25.66 -7.60
N9 A3P G . -15.20 26.51 -8.32
C8 A3P G . -16.00 26.23 -9.42
N7 A3P G . -16.76 27.22 -9.82
C5 A3P G . -16.45 28.24 -8.94
C6 A3P G . -16.90 29.61 -8.81
N6 A3P G . -17.81 30.15 -9.62
N1 A3P G . -16.37 30.38 -7.79
C2 A3P G . -15.43 29.86 -6.93
N3 A3P G . -14.92 28.59 -6.95
C4 A3P G . -15.47 27.83 -7.99
C1 RTL H . -15.74 6.88 -14.97
C2 RTL H . -15.29 5.38 -15.06
C3 RTL H . -15.15 4.89 -16.50
C4 RTL H . -15.39 5.53 -17.86
C5 RTL H . -15.83 6.97 -17.57
C6 RTL H . -15.99 7.61 -16.33
C7 RTL H . -16.42 9.03 -16.21
C8 RTL H . -15.58 10.10 -16.33
C9 RTL H . -15.99 11.50 -16.21
C10 RTL H . -15.01 12.47 -16.35
C11 RTL H . -15.11 13.94 -16.28
C12 RTL H . -14.13 14.48 -15.47
C13 RTL H . -13.74 15.84 -15.03
C14 RTL H . -12.77 16.33 -14.22
C15 RTL H . -11.49 16.76 -14.82
O1 RTL H . -11.52 18.07 -15.20
C16 RTL H . -14.57 7.45 -14.15
C17 RTL H . -16.97 6.80 -14.05
C18 RTL H . -16.12 7.68 -18.90
C19 RTL H . -17.47 11.85 -15.94
C20 RTL H . -14.73 16.80 -15.71
HG HG I . -2.71 -33.63 5.00
HG HG I . -2.27 -33.69 6.86
HG HG J . -6.07 -26.28 -3.74
HG HG K . 14.46 -27.20 -4.53
CA CA L . 22.55 3.84 16.51
P1 A3P M . 10.55 -21.51 2.97
O1P A3P M . 11.53 -20.56 3.51
O2P A3P M . 10.01 -21.04 1.69
O3P A3P M . 11.13 -22.85 2.80
P2 A3P M . 6.63 -20.08 9.31
O4P A3P M . 5.34 -19.44 8.95
O5P A3P M . 6.45 -21.04 10.40
O6P A3P M . 7.63 -19.04 9.66
O5' A3P M . 7.17 -20.86 8.04
C5' A3P M . 7.46 -20.18 6.82
C4' A3P M . 7.73 -21.17 5.68
O4' A3P M . 6.44 -21.56 5.11
C3' A3P M . 8.52 -20.58 4.52
O3' A3P M . 9.36 -21.65 4.01
C2' A3P M . 7.41 -20.09 3.60
O2' A3P M . 7.75 -19.73 2.27
C1' A3P M . 6.42 -21.23 3.72
N9 A3P M . 5.04 -20.86 3.34
C8 A3P M . 4.30 -19.75 3.72
N7 A3P M . 3.09 -19.69 3.21
C5 A3P M . 3.03 -20.83 2.42
C6 A3P M . 1.99 -21.39 1.59
N6 A3P M . 0.79 -20.83 1.42
N1 A3P M . 2.27 -22.60 0.93
C2 A3P M . 3.49 -23.22 1.08
N3 A3P M . 4.53 -22.78 1.84
C4 A3P M . 4.23 -21.58 2.50
C1 RTL N . 14.28 -5.82 14.33
C2 RTL N . 15.58 -5.16 14.89
C3 RTL N . 15.45 -4.72 16.33
C4 RTL N . 14.32 -4.76 17.37
C5 RTL N . 13.14 -5.42 16.63
C6 RTL N . 13.06 -5.89 15.32
C7 RTL N . 11.83 -6.52 14.76
C8 RTL N . 11.52 -7.84 14.80
C9 RTL N . 10.28 -8.39 14.23
C10 RTL N . 10.06 -9.74 14.32
C11 RTL N . 8.91 -10.55 13.85
C12 RTL N . 9.29 -11.80 13.43
C13 RTL N . 8.60 -12.99 12.86
C14 RTL N . 9.01 -14.23 12.46
C15 RTL N . 8.99 -15.33 13.43
O1 RTL N . 7.81 -16.01 13.44
C16 RTL N . 14.84 -7.19 13.90
C17 RTL N . 14.00 -5.00 13.06
C18 RTL N . 11.94 -5.47 17.58
C19 RTL N . 9.27 -7.42 13.56
C20 RTL N . 7.11 -12.61 12.77
#